data_6KBN
#
_entry.id   6KBN
#
_cell.length_a   69.475
_cell.length_b   85.268
_cell.length_c   272.820
_cell.angle_alpha   90.00
_cell.angle_beta   90.00
_cell.angle_gamma   90.00
#
_symmetry.space_group_name_H-M   'P 21 21 21'
#
loop_
_entity.id
_entity.type
_entity.pdbx_description
1 polymer 'Vacuolar protein 8'
2 polymer 'Autophagy-related protein 13'
#
loop_
_entity_poly.entity_id
_entity_poly.type
_entity_poly.pdbx_seq_one_letter_code
_entity_poly.pdbx_strand_id
1 'polypeptide(L)'
;MGSCCSCLKDSSDEASVSYLEDKDQLDFYSGGPLKALTTLVYSDNLNLQRSAALAFAEITEKYVRQVSREVLEPILILLQ
SQDPQIQVAACAALGNLAVNNENKLLIVEMGGLEPLINQMMGDNVEVQCNAVGCITNLATRDDNKHKIATSGALIPLTKL
AKSKHIRVQRNATGALLNMTHSEENRKELVNAGAVPVLVSLLSSTDPDVQYYCTTALSNIAVDEANRKKLAQTEPRLVSK
LVSLMDSPSSRVKCQATLALRNLASDTSYQLEIVRAGGLPHLVKLIQSDSIPLVLASVACIRNISIHPLNEGLIVDAGFL
KPLVRLLDYKDSEEIQCHAVSTLRNLAASSEKNRKEFFESGAVEKCKELALDSPVSVQSEISACFAILALADVSKLDLLE
ANILDALIPMTFSQNQEVSGNAAAALANLCSRVNNYTKIIEAWDRPNEGIRGFLIRFLKSDYATFEHIALWTILQLLESH
NDKVEDLVKNDDDIINGVRKMADVTFERLQRSGIDVKNPGSNNNPSSNDNNSNNNDTGSEHQPVEDASLELYNITQQILQ
FLH
;
A,C
2 'polypeptide(L)'
;GGNSSTSALNSRRNSLDKSSNKQGMSGLPPIFGGESTSYHHDNKIQKYNQLGVEEDDDDENDRLLNQMGNSATKFKSSIS
PRSIDSISSSFIKSRIPIRQPYHYSQPTTAPFQAQAKFHKPANKLIDNG
;
B,D
#
# COMPACT_ATOMS: atom_id res chain seq x y z
N GLY A 32 -19.27 5.69 -16.76
CA GLY A 32 -18.02 5.85 -17.45
C GLY A 32 -16.91 5.00 -16.85
N PRO A 33 -16.38 5.44 -15.70
CA PRO A 33 -15.34 4.70 -14.97
C PRO A 33 -15.75 3.28 -14.56
N LEU A 34 -17.07 3.07 -14.48
CA LEU A 34 -17.60 1.83 -13.91
C LEU A 34 -17.22 0.49 -14.59
N LYS A 35 -17.16 0.47 -15.93
CA LYS A 35 -16.89 -0.73 -16.66
C LYS A 35 -15.39 -0.62 -17.09
N ALA A 36 -14.74 0.49 -16.74
CA ALA A 36 -13.32 0.47 -16.76
C ALA A 36 -12.91 -0.47 -15.67
N LEU A 37 -13.48 -0.21 -14.51
CA LEU A 37 -13.29 -1.11 -13.39
C LEU A 37 -13.86 -2.50 -13.62
N THR A 38 -15.02 -2.63 -14.29
CA THR A 38 -15.51 -4.01 -14.41
C THR A 38 -14.67 -4.75 -15.44
N THR A 39 -14.25 -4.08 -16.51
CA THR A 39 -13.36 -4.76 -17.44
C THR A 39 -12.13 -5.21 -16.67
N LEU A 40 -11.74 -4.42 -15.67
CA LEU A 40 -10.64 -4.85 -14.80
C LEU A 40 -11.02 -6.11 -14.00
N VAL A 41 -12.29 -6.22 -13.64
CA VAL A 41 -12.75 -7.39 -12.89
C VAL A 41 -12.71 -8.69 -13.72
N TYR A 42 -13.27 -8.65 -14.92
CA TYR A 42 -13.38 -9.85 -15.76
C TYR A 42 -12.04 -10.29 -16.34
N SER A 43 -10.97 -9.59 -15.96
CA SER A 43 -9.63 -9.83 -16.49
C SER A 43 -9.10 -11.23 -16.20
N ASP A 44 -9.41 -11.74 -15.01
CA ASP A 44 -8.98 -13.05 -14.51
C ASP A 44 -7.55 -13.03 -13.99
N ASN A 45 -6.93 -11.85 -14.02
CA ASN A 45 -5.62 -11.68 -13.42
C ASN A 45 -5.78 -11.04 -12.05
N LEU A 46 -5.11 -11.59 -11.04
CA LEU A 46 -5.37 -11.18 -9.67
C LEU A 46 -5.05 -9.71 -9.38
N ASN A 47 -3.94 -9.19 -9.88
CA ASN A 47 -3.57 -7.81 -9.56
C ASN A 47 -4.55 -6.82 -10.18
N LEU A 48 -5.09 -7.16 -11.34
CA LEU A 48 -6.09 -6.33 -11.99
C LEU A 48 -7.38 -6.32 -11.15
N GLN A 49 -7.71 -7.47 -10.58
CA GLN A 49 -8.94 -7.60 -9.81
C GLN A 49 -8.81 -6.93 -8.44
N ARG A 50 -7.60 -6.91 -7.89
CA ARG A 50 -7.37 -6.20 -6.63
C ARG A 50 -7.26 -4.69 -6.85
N SER A 51 -6.77 -4.31 -8.02
CA SER A 51 -6.80 -2.90 -8.40
C SER A 51 -8.25 -2.45 -8.39
N ALA A 52 -9.08 -3.21 -9.11
CA ALA A 52 -10.51 -2.92 -9.19
C ALA A 52 -11.17 -2.94 -7.81
N ALA A 53 -10.92 -3.98 -7.04
CA ALA A 53 -11.55 -4.16 -5.73
C ALA A 53 -11.19 -3.06 -4.74
N LEU A 54 -9.90 -2.69 -4.69
CA LEU A 54 -9.46 -1.62 -3.82
C LEU A 54 -10.13 -0.31 -4.23
N ALA A 55 -10.11 -0.04 -5.53
CA ALA A 55 -10.79 1.13 -6.09
C ALA A 55 -12.24 1.19 -5.61
N PHE A 56 -12.98 0.10 -5.84
CA PHE A 56 -14.38 -0.01 -5.40
C PHE A 56 -14.54 0.29 -3.93
N ALA A 57 -13.65 -0.28 -3.13
CA ALA A 57 -13.71 -0.10 -1.69
C ALA A 57 -13.65 1.37 -1.31
N GLU A 58 -12.72 2.11 -1.91
CA GLU A 58 -12.56 3.49 -1.50
C GLU A 58 -13.70 4.37 -2.03
N ILE A 59 -14.02 4.19 -3.31
CA ILE A 59 -15.02 5.04 -3.96
C ILE A 59 -16.41 4.82 -3.39
N THR A 60 -16.68 3.62 -2.89
CA THR A 60 -17.92 3.41 -2.17
C THR A 60 -17.77 3.95 -0.75
N GLU A 61 -16.54 3.94 -0.23
CA GLU A 61 -16.39 4.31 1.17
C GLU A 61 -16.73 5.78 1.37
N LYS A 62 -16.43 6.64 0.40
CA LYS A 62 -16.81 8.04 0.68
C LYS A 62 -18.01 8.58 -0.15
N TYR A 63 -18.57 7.79 -1.06
CA TYR A 63 -19.87 8.19 -1.61
C TYR A 63 -20.84 7.07 -2.00
N VAL A 64 -22.02 7.09 -1.38
CA VAL A 64 -23.05 6.06 -1.59
C VAL A 64 -24.46 6.54 -1.99
N ARG A 65 -24.89 6.26 -3.22
CA ARG A 65 -26.31 6.34 -3.52
C ARG A 65 -26.84 5.01 -4.05
N GLN A 66 -28.14 4.98 -4.31
CA GLN A 66 -28.79 3.90 -5.03
C GLN A 66 -28.05 3.68 -6.34
N VAL A 67 -27.69 2.43 -6.62
CA VAL A 67 -26.93 2.10 -7.80
C VAL A 67 -27.55 0.98 -8.62
N SER A 68 -27.16 0.89 -9.88
CA SER A 68 -27.81 -0.04 -10.80
C SER A 68 -27.49 -1.48 -10.39
N ARG A 69 -28.19 -2.42 -11.00
CA ARG A 69 -27.92 -3.84 -10.82
C ARG A 69 -26.53 -4.22 -11.34
N GLU A 70 -26.16 -3.64 -12.47
CA GLU A 70 -24.91 -3.97 -13.15
C GLU A 70 -23.68 -3.67 -12.30
N VAL A 71 -23.72 -2.54 -11.58
CA VAL A 71 -22.60 -2.16 -10.73
C VAL A 71 -22.37 -3.21 -9.66
N LEU A 72 -23.46 -3.72 -9.10
CA LEU A 72 -23.39 -4.78 -8.08
C LEU A 72 -23.01 -6.17 -8.53
N GLU A 73 -23.36 -6.61 -9.73
CA GLU A 73 -22.90 -7.96 -10.09
C GLU A 73 -21.37 -8.09 -10.27
N PRO A 74 -20.69 -7.00 -10.72
CA PRO A 74 -19.26 -7.23 -10.73
C PRO A 74 -18.71 -7.30 -9.32
N ILE A 75 -19.20 -6.46 -8.41
CA ILE A 75 -18.78 -6.55 -7.03
C ILE A 75 -19.16 -7.91 -6.47
N LEU A 76 -20.35 -8.37 -6.86
CA LEU A 76 -20.91 -9.57 -6.27
C LEU A 76 -20.13 -10.84 -6.52
N ILE A 77 -19.98 -11.20 -7.79
CA ILE A 77 -19.22 -12.35 -8.26
C ILE A 77 -17.73 -12.22 -7.96
N LEU A 78 -17.22 -11.00 -8.12
CA LEU A 78 -15.81 -10.73 -7.90
C LEU A 78 -15.51 -11.09 -6.46
N LEU A 79 -16.47 -10.81 -5.60
CA LEU A 79 -16.36 -11.16 -4.19
C LEU A 79 -16.23 -12.68 -4.04
N GLN A 80 -16.98 -13.44 -4.83
CA GLN A 80 -16.90 -14.89 -4.70
C GLN A 80 -15.69 -15.30 -5.51
N SER A 81 -14.58 -15.19 -4.79
CA SER A 81 -13.23 -15.49 -5.19
C SER A 81 -12.62 -15.79 -3.83
N GLN A 82 -11.44 -16.41 -3.76
CA GLN A 82 -10.87 -16.60 -2.42
C GLN A 82 -9.47 -16.02 -2.24
N ASP A 83 -9.10 -15.04 -3.07
CA ASP A 83 -8.01 -14.17 -2.66
C ASP A 83 -8.61 -13.30 -1.55
N PRO A 84 -8.03 -13.37 -0.35
CA PRO A 84 -8.62 -12.72 0.83
C PRO A 84 -8.59 -11.19 0.76
N GLN A 85 -7.51 -10.63 0.24
CA GLN A 85 -7.38 -9.19 0.01
C GLN A 85 -8.60 -8.67 -0.76
N ILE A 86 -8.91 -9.39 -1.83
CA ILE A 86 -10.04 -9.07 -2.69
C ILE A 86 -11.35 -9.15 -1.92
N GLN A 87 -11.45 -10.07 -0.96
CA GLN A 87 -12.70 -10.22 -0.25
C GLN A 87 -12.85 -9.17 0.86
N VAL A 88 -11.74 -8.65 1.39
CA VAL A 88 -11.85 -7.55 2.34
C VAL A 88 -12.24 -6.27 1.60
N ALA A 89 -11.66 -6.07 0.41
CA ALA A 89 -11.99 -4.87 -0.37
C ALA A 89 -13.44 -4.91 -0.86
N ALA A 90 -13.85 -6.08 -1.35
CA ALA A 90 -15.17 -6.28 -1.90
C ALA A 90 -16.25 -6.18 -0.81
N CYS A 91 -16.01 -6.83 0.32
CA CYS A 91 -16.95 -6.74 1.42
C CYS A 91 -17.02 -5.32 1.97
N ALA A 92 -15.88 -4.63 2.03
CA ALA A 92 -15.91 -3.23 2.49
C ALA A 92 -16.73 -2.38 1.53
N ALA A 93 -16.58 -2.64 0.24
CA ALA A 93 -17.31 -1.90 -0.79
C ALA A 93 -18.82 -2.12 -0.70
N LEU A 94 -19.23 -3.36 -0.92
CA LEU A 94 -20.65 -3.75 -0.87
C LEU A 94 -21.30 -3.40 0.46
N GLY A 95 -20.52 -3.49 1.54
CA GLY A 95 -20.95 -3.10 2.86
C GLY A 95 -21.20 -1.60 2.96
N ASN A 96 -20.32 -0.82 2.35
CA ASN A 96 -20.49 0.62 2.30
C ASN A 96 -21.71 1.01 1.47
N LEU A 97 -21.99 0.25 0.41
CA LEU A 97 -23.18 0.47 -0.40
C LEU A 97 -24.42 0.13 0.42
N ALA A 98 -24.24 -0.79 1.36
CA ALA A 98 -25.34 -1.43 2.06
C ALA A 98 -26.09 -0.41 2.94
N VAL A 99 -25.45 0.72 3.19
CA VAL A 99 -26.01 1.76 4.05
C VAL A 99 -27.30 2.33 3.45
N ASN A 100 -27.33 2.47 2.13
CA ASN A 100 -28.52 2.98 1.44
C ASN A 100 -29.59 1.91 1.22
N ASN A 101 -30.85 2.28 1.46
CA ASN A 101 -31.96 1.34 1.60
C ASN A 101 -32.31 0.42 0.40
N GLU A 102 -32.11 0.85 -0.83
CA GLU A 102 -32.62 0.07 -1.96
C GLU A 102 -31.50 -0.83 -2.48
N ASN A 103 -30.30 -0.47 -2.04
CA ASN A 103 -29.16 -1.31 -2.27
C ASN A 103 -29.21 -2.49 -1.33
N LYS A 104 -29.88 -2.34 -0.20
CA LYS A 104 -29.96 -3.44 0.76
C LYS A 104 -30.68 -4.68 0.20
N LEU A 105 -31.91 -4.50 -0.26
CA LEU A 105 -32.66 -5.61 -0.85
C LEU A 105 -32.11 -6.00 -2.22
N LEU A 106 -31.64 -5.01 -2.99
CA LEU A 106 -31.15 -5.32 -4.33
C LEU A 106 -30.00 -6.32 -4.10
N ILE A 107 -29.05 -5.93 -3.25
CA ILE A 107 -27.99 -6.84 -2.82
C ILE A 107 -28.49 -8.18 -2.29
N VAL A 108 -29.41 -8.14 -1.34
CA VAL A 108 -29.98 -9.36 -0.78
C VAL A 108 -30.82 -10.21 -1.77
N GLU A 109 -31.67 -9.54 -2.55
CA GLU A 109 -32.65 -10.23 -3.38
C GLU A 109 -32.10 -11.12 -4.50
N MET A 110 -31.07 -10.64 -5.18
CA MET A 110 -30.43 -11.41 -6.24
C MET A 110 -29.84 -12.68 -5.66
N GLY A 111 -29.27 -12.57 -4.46
CA GLY A 111 -28.62 -13.70 -3.82
C GLY A 111 -27.19 -13.37 -3.45
N GLY A 112 -26.98 -12.14 -3.00
CA GLY A 112 -25.68 -11.66 -2.60
C GLY A 112 -25.08 -12.23 -1.33
N LEU A 113 -25.95 -12.84 -0.53
CA LEU A 113 -25.69 -13.26 0.85
C LEU A 113 -24.88 -14.54 0.92
N GLU A 114 -25.11 -15.47 0.00
CA GLU A 114 -24.52 -16.78 0.09
C GLU A 114 -23.00 -16.67 0.10
N PRO A 115 -22.48 -15.73 -0.69
CA PRO A 115 -21.03 -15.47 -0.70
C PRO A 115 -20.56 -14.97 0.67
N LEU A 116 -21.37 -14.12 1.32
CA LEU A 116 -21.01 -13.56 2.61
C LEU A 116 -21.14 -14.58 3.74
N ILE A 117 -22.14 -15.47 3.67
CA ILE A 117 -22.25 -16.51 4.69
C ILE A 117 -21.04 -17.44 4.58
N ASN A 118 -20.69 -17.77 3.34
CA ASN A 118 -19.51 -18.61 3.12
C ASN A 118 -18.21 -17.97 3.63
N GLN A 119 -18.10 -16.64 3.54
CA GLN A 119 -16.90 -15.98 4.07
C GLN A 119 -16.95 -15.86 5.58
N MET A 120 -18.16 -15.76 6.12
CA MET A 120 -18.33 -15.67 7.57
C MET A 120 -17.88 -16.98 8.21
N MET A 121 -18.21 -18.11 7.58
CA MET A 121 -17.74 -19.39 8.08
C MET A 121 -16.22 -19.60 7.94
N GLY A 122 -15.59 -18.85 7.03
CA GLY A 122 -14.16 -18.94 6.76
C GLY A 122 -13.20 -18.57 7.90
N ASP A 123 -11.96 -19.07 7.84
CA ASP A 123 -11.05 -18.97 8.98
C ASP A 123 -10.28 -17.64 9.03
N ASN A 124 -10.26 -16.92 7.91
CA ASN A 124 -9.74 -15.55 7.87
C ASN A 124 -10.54 -14.57 8.72
N VAL A 125 -9.89 -13.85 9.62
CA VAL A 125 -10.58 -13.07 10.64
C VAL A 125 -11.01 -11.68 10.12
N GLU A 126 -10.29 -11.12 9.15
CA GLU A 126 -10.64 -9.77 8.69
C GLU A 126 -11.69 -9.77 7.58
N VAL A 127 -11.85 -10.89 6.87
CA VAL A 127 -12.93 -11.00 5.91
C VAL A 127 -14.15 -11.45 6.68
N GLN A 128 -13.89 -12.05 7.85
CA GLN A 128 -14.93 -12.23 8.85
C GLN A 128 -15.49 -10.87 9.24
N CYS A 129 -14.60 -9.99 9.68
CA CYS A 129 -14.97 -8.63 10.05
C CYS A 129 -15.84 -7.97 8.98
N ASN A 130 -15.30 -7.82 7.78
CA ASN A 130 -16.04 -7.07 6.76
C ASN A 130 -17.32 -7.75 6.25
N ALA A 131 -17.32 -9.08 6.13
CA ALA A 131 -18.54 -9.79 5.73
C ALA A 131 -19.67 -9.65 6.76
N VAL A 132 -19.34 -9.91 8.02
CA VAL A 132 -20.29 -9.72 9.11
C VAL A 132 -20.76 -8.27 9.11
N GLY A 133 -19.84 -7.36 8.77
CA GLY A 133 -20.17 -5.96 8.59
C GLY A 133 -21.30 -5.77 7.61
N CYS A 134 -21.16 -6.35 6.42
CA CYS A 134 -22.19 -6.22 5.40
C CYS A 134 -23.50 -6.80 5.85
N ILE A 135 -23.45 -7.86 6.65
CA ILE A 135 -24.71 -8.40 7.16
C ILE A 135 -25.31 -7.45 8.20
N THR A 136 -24.47 -6.71 8.92
CA THR A 136 -24.96 -5.71 9.84
C THR A 136 -25.67 -4.55 9.13
N ASN A 137 -25.06 -4.03 8.07
CA ASN A 137 -25.70 -2.94 7.31
C ASN A 137 -26.90 -3.43 6.53
N LEU A 138 -26.77 -4.65 5.98
CA LEU A 138 -27.86 -5.36 5.35
C LEU A 138 -28.82 -5.92 6.40
N ALA A 139 -30.09 -6.05 6.05
CA ALA A 139 -31.08 -6.61 6.95
C ALA A 139 -31.62 -5.56 7.90
N THR A 140 -31.13 -4.33 7.75
CA THR A 140 -31.68 -3.20 8.47
C THR A 140 -33.11 -3.05 7.99
N ARG A 141 -33.27 -3.23 6.69
CA ARG A 141 -34.59 -3.20 6.03
C ARG A 141 -35.41 -4.42 6.44
N ASP A 142 -36.71 -4.23 6.65
CA ASP A 142 -37.55 -5.27 7.21
C ASP A 142 -37.62 -6.63 6.48
N ASP A 143 -38.07 -6.68 5.23
CA ASP A 143 -38.31 -8.00 4.61
C ASP A 143 -37.02 -8.64 4.11
N ASN A 144 -35.96 -7.84 3.99
CA ASN A 144 -34.64 -8.42 3.85
C ASN A 144 -34.36 -9.41 4.96
N LYS A 145 -34.62 -8.97 6.19
CA LYS A 145 -34.38 -9.78 7.38
C LYS A 145 -34.95 -11.20 7.36
N HIS A 146 -36.15 -11.37 6.81
CA HIS A 146 -36.76 -12.70 6.75
C HIS A 146 -35.95 -13.62 5.84
N LYS A 147 -35.50 -13.06 4.71
CA LYS A 147 -34.57 -13.76 3.83
C LYS A 147 -33.16 -13.87 4.40
N ILE A 148 -32.85 -13.05 5.40
CA ILE A 148 -31.60 -13.19 6.15
C ILE A 148 -31.67 -14.44 7.02
N ALA A 149 -32.81 -14.60 7.70
CA ALA A 149 -33.03 -15.72 8.58
C ALA A 149 -33.20 -17.06 7.84
N THR A 150 -33.98 -17.06 6.77
CA THR A 150 -34.16 -18.29 5.99
C THR A 150 -32.90 -18.66 5.21
N SER A 151 -31.92 -17.76 5.20
CA SER A 151 -30.64 -18.06 4.57
C SER A 151 -29.71 -18.75 5.57
N GLY A 152 -30.14 -18.78 6.84
CA GLY A 152 -29.32 -19.26 7.93
C GLY A 152 -28.04 -18.51 8.24
N ALA A 153 -28.06 -17.18 8.09
CA ALA A 153 -26.92 -16.33 8.42
C ALA A 153 -26.70 -16.18 9.92
N LEU A 154 -27.73 -16.51 10.70
CA LEU A 154 -27.68 -16.25 12.12
C LEU A 154 -26.89 -17.27 12.93
N ILE A 155 -26.72 -18.47 12.39
CA ILE A 155 -25.79 -19.42 13.00
C ILE A 155 -24.33 -18.92 12.95
N PRO A 156 -23.84 -18.56 11.74
CA PRO A 156 -22.47 -18.03 11.74
C PRO A 156 -22.39 -16.74 12.53
N LEU A 157 -23.45 -15.93 12.49
CA LEU A 157 -23.45 -14.66 13.21
C LEU A 157 -23.25 -14.88 14.70
N THR A 158 -24.04 -15.80 15.23
CA THR A 158 -24.03 -16.13 16.64
C THR A 158 -22.67 -16.61 17.07
N LYS A 159 -22.12 -17.52 16.30
CA LYS A 159 -20.80 -18.05 16.65
C LYS A 159 -19.63 -17.05 16.47
N LEU A 160 -19.73 -16.12 15.54
CA LEU A 160 -18.72 -15.05 15.42
C LEU A 160 -18.94 -13.89 16.37
N ALA A 161 -20.05 -13.91 17.12
CA ALA A 161 -20.20 -12.97 18.22
C ALA A 161 -19.37 -13.34 19.45
N LYS A 162 -18.75 -14.51 19.40
CA LYS A 162 -17.77 -14.92 20.41
C LYS A 162 -16.33 -14.47 20.15
N SER A 163 -16.08 -13.87 18.99
CA SER A 163 -14.70 -13.60 18.56
C SER A 163 -13.84 -12.83 19.54
N LYS A 164 -12.55 -13.19 19.53
CA LYS A 164 -11.52 -12.59 20.37
C LYS A 164 -11.09 -11.24 19.80
N HIS A 165 -11.42 -11.02 18.53
CA HIS A 165 -11.06 -9.79 17.88
C HIS A 165 -12.27 -8.86 17.99
N ILE A 166 -12.04 -7.65 18.49
CA ILE A 166 -13.15 -6.76 18.82
C ILE A 166 -13.99 -6.38 17.61
N ARG A 167 -13.34 -6.14 16.47
CA ARG A 167 -14.01 -5.64 15.28
C ARG A 167 -15.11 -6.63 14.88
N VAL A 168 -14.74 -7.91 14.86
CA VAL A 168 -15.68 -8.97 14.53
C VAL A 168 -16.86 -9.07 15.53
N GLN A 169 -16.60 -8.88 16.82
CA GLN A 169 -17.66 -9.03 17.80
C GLN A 169 -18.62 -7.85 17.69
N ARG A 170 -18.06 -6.69 17.40
CA ARG A 170 -18.84 -5.47 17.29
C ARG A 170 -19.78 -5.57 16.10
N ASN A 171 -19.25 -5.98 14.95
CA ASN A 171 -20.11 -6.14 13.79
C ASN A 171 -21.10 -7.31 13.98
N ALA A 172 -20.69 -8.34 14.71
CA ALA A 172 -21.55 -9.50 14.95
C ALA A 172 -22.73 -9.17 15.85
N THR A 173 -22.44 -8.72 17.06
CA THR A 173 -23.46 -8.36 18.03
C THR A 173 -24.33 -7.23 17.46
N GLY A 174 -23.72 -6.34 16.70
CA GLY A 174 -24.46 -5.31 15.99
C GLY A 174 -25.48 -5.95 15.07
N ALA A 175 -25.03 -6.94 14.32
CA ALA A 175 -25.88 -7.67 13.38
C ALA A 175 -27.07 -8.33 14.10
N LEU A 176 -26.83 -8.95 15.25
CA LEU A 176 -27.92 -9.63 15.94
C LEU A 176 -28.89 -8.63 16.56
N LEU A 177 -28.34 -7.50 17.00
CA LEU A 177 -29.15 -6.38 17.46
C LEU A 177 -30.13 -5.95 16.39
N ASN A 178 -29.59 -5.75 15.19
CA ASN A 178 -30.41 -5.34 14.06
C ASN A 178 -31.41 -6.42 13.70
N MET A 179 -31.07 -7.67 13.99
CA MET A 179 -32.01 -8.76 13.72
C MET A 179 -33.08 -8.92 14.80
N THR A 180 -32.98 -8.17 15.89
CA THR A 180 -34.02 -8.24 16.93
C THR A 180 -35.20 -7.29 16.72
N HIS A 181 -35.32 -6.70 15.54
CA HIS A 181 -36.32 -5.64 15.35
C HIS A 181 -37.72 -6.18 14.98
N SER A 182 -37.80 -7.22 14.16
CA SER A 182 -39.08 -7.85 13.84
C SER A 182 -39.36 -8.99 14.81
N GLU A 183 -40.63 -9.31 15.04
CA GLU A 183 -40.97 -10.40 15.96
C GLU A 183 -40.47 -11.76 15.41
N GLU A 184 -40.68 -11.98 14.11
CA GLU A 184 -40.36 -13.27 13.51
C GLU A 184 -38.85 -13.39 13.32
N ASN A 185 -38.21 -12.24 13.14
CA ASN A 185 -36.78 -12.15 13.22
C ASN A 185 -36.25 -12.50 14.60
N ARG A 186 -36.96 -12.06 15.64
CA ARG A 186 -36.51 -12.34 16.98
C ARG A 186 -36.62 -13.79 17.38
N LYS A 187 -37.69 -14.46 16.95
CA LYS A 187 -37.76 -15.88 17.32
C LYS A 187 -36.96 -16.79 16.37
N GLU A 188 -36.61 -16.34 15.16
CA GLU A 188 -35.61 -17.18 14.49
C GLU A 188 -34.21 -16.72 14.86
N LEU A 189 -34.14 -15.70 15.71
CA LEU A 189 -32.91 -15.39 16.41
C LEU A 189 -32.79 -16.31 17.61
N VAL A 190 -33.91 -16.62 18.26
CA VAL A 190 -33.86 -17.49 19.43
C VAL A 190 -33.69 -18.97 19.06
N ASN A 191 -34.37 -19.43 18.02
CA ASN A 191 -34.07 -20.76 17.46
C ASN A 191 -32.67 -20.93 16.86
N ALA A 192 -31.80 -19.94 17.03
CA ALA A 192 -30.41 -20.09 16.64
C ALA A 192 -29.59 -19.99 17.91
N GLY A 193 -30.29 -20.07 19.03
CA GLY A 193 -29.72 -19.90 20.37
C GLY A 193 -28.65 -18.83 20.48
N ALA A 194 -28.99 -17.61 20.08
CA ALA A 194 -28.03 -16.52 20.24
C ALA A 194 -28.22 -15.82 21.57
N VAL A 195 -29.27 -16.18 22.28
CA VAL A 195 -29.59 -15.58 23.58
C VAL A 195 -28.48 -15.75 24.63
N PRO A 196 -27.89 -16.97 24.76
CA PRO A 196 -26.88 -17.11 25.81
C PRO A 196 -25.61 -16.30 25.55
N VAL A 197 -25.20 -16.21 24.28
CA VAL A 197 -24.06 -15.40 23.89
C VAL A 197 -24.26 -13.97 24.34
N LEU A 198 -25.46 -13.45 24.05
CA LEU A 198 -25.84 -12.10 24.44
C LEU A 198 -25.80 -11.92 25.96
N VAL A 199 -26.49 -12.80 26.68
CA VAL A 199 -26.60 -12.66 28.13
C VAL A 199 -25.23 -12.69 28.80
N SER A 200 -24.31 -13.49 28.26
CA SER A 200 -22.97 -13.51 28.84
C SER A 200 -22.23 -12.24 28.46
N LEU A 201 -22.45 -11.81 27.22
CA LEU A 201 -21.79 -10.64 26.64
C LEU A 201 -22.27 -9.34 27.26
N LEU A 202 -23.35 -9.40 28.03
CA LEU A 202 -23.82 -8.27 28.81
C LEU A 202 -22.70 -7.73 29.69
N SER A 203 -21.76 -8.61 30.03
CA SER A 203 -20.67 -8.28 30.94
C SER A 203 -19.39 -7.94 30.19
N SER A 204 -19.52 -7.73 28.87
CA SER A 204 -18.40 -7.29 28.05
C SER A 204 -17.86 -5.94 28.53
N THR A 205 -16.55 -5.74 28.42
CA THR A 205 -15.97 -4.46 28.78
C THR A 205 -16.08 -3.45 27.63
N ASP A 206 -16.11 -3.96 26.41
CA ASP A 206 -16.35 -3.12 25.24
C ASP A 206 -17.73 -2.47 25.28
N PRO A 207 -17.78 -1.13 25.24
CA PRO A 207 -19.01 -0.34 25.30
C PRO A 207 -20.02 -0.72 24.21
N ASP A 208 -19.57 -0.83 22.95
CA ASP A 208 -20.50 -1.05 21.85
C ASP A 208 -21.07 -2.47 21.87
N VAL A 209 -20.25 -3.45 22.22
CA VAL A 209 -20.74 -4.81 22.37
C VAL A 209 -21.81 -4.92 23.46
N GLN A 210 -21.54 -4.39 24.64
CA GLN A 210 -22.48 -4.57 25.75
C GLN A 210 -23.73 -3.74 25.51
N TYR A 211 -23.59 -2.59 24.86
CA TYR A 211 -24.77 -1.81 24.54
C TYR A 211 -25.65 -2.52 23.51
N TYR A 212 -25.03 -3.02 22.44
CA TYR A 212 -25.76 -3.76 21.42
C TYR A 212 -26.49 -4.95 22.03
N CYS A 213 -25.80 -5.62 22.97
CA CYS A 213 -26.34 -6.81 23.61
C CYS A 213 -27.52 -6.48 24.53
N THR A 214 -27.36 -5.44 25.33
CA THR A 214 -28.45 -4.97 26.18
C THR A 214 -29.68 -4.59 25.36
N THR A 215 -29.48 -3.85 24.27
CA THR A 215 -30.60 -3.44 23.43
C THR A 215 -31.23 -4.63 22.71
N ALA A 216 -30.39 -5.60 22.34
CA ALA A 216 -30.87 -6.82 21.69
C ALA A 216 -31.79 -7.56 22.64
N LEU A 217 -31.31 -7.83 23.84
CA LEU A 217 -32.07 -8.55 24.86
C LEU A 217 -33.35 -7.80 25.23
N SER A 218 -33.26 -6.47 25.34
CA SER A 218 -34.43 -5.65 25.59
C SER A 218 -35.46 -5.85 24.50
N ASN A 219 -35.01 -5.85 23.26
CA ASN A 219 -35.92 -6.03 22.13
C ASN A 219 -36.51 -7.45 22.11
N ILE A 220 -35.76 -8.41 22.64
CA ILE A 220 -36.22 -9.79 22.68
C ILE A 220 -37.31 -9.92 23.73
N ALA A 221 -37.14 -9.19 24.84
CA ALA A 221 -38.07 -9.27 25.96
C ALA A 221 -39.43 -8.65 25.66
N VAL A 222 -39.64 -8.24 24.41
CA VAL A 222 -40.90 -7.63 23.99
C VAL A 222 -42.00 -8.70 23.84
N ASP A 223 -41.60 -9.91 23.47
CA ASP A 223 -42.55 -11.00 23.27
C ASP A 223 -42.66 -11.86 24.52
N GLU A 224 -43.90 -12.20 24.91
CA GLU A 224 -44.12 -13.07 26.06
C GLU A 224 -43.47 -14.45 25.91
N ALA A 225 -43.51 -15.00 24.70
CA ALA A 225 -42.91 -16.32 24.45
C ALA A 225 -41.44 -16.28 24.83
N ASN A 226 -40.75 -15.31 24.27
CA ASN A 226 -39.35 -15.07 24.58
C ASN A 226 -39.13 -14.80 26.05
N ARG A 227 -40.05 -14.09 26.69
CA ARG A 227 -39.91 -13.80 28.13
C ARG A 227 -39.93 -15.09 28.97
N LYS A 228 -40.85 -15.99 28.62
CA LYS A 228 -40.97 -17.28 29.31
C LYS A 228 -39.73 -18.15 29.09
N LYS A 229 -39.24 -18.13 27.86
CA LYS A 229 -38.03 -18.88 27.52
C LYS A 229 -36.85 -18.27 28.27
N LEU A 230 -36.90 -16.95 28.45
CA LEU A 230 -35.84 -16.22 29.14
C LEU A 230 -35.90 -16.54 30.62
N ALA A 231 -37.08 -16.94 31.08
CA ALA A 231 -37.30 -17.31 32.46
C ALA A 231 -36.67 -18.66 32.75
N GLN A 232 -36.87 -19.61 31.83
CA GLN A 232 -36.35 -20.96 32.10
C GLN A 232 -34.98 -21.26 31.44
N THR A 233 -34.37 -20.28 30.79
CA THR A 233 -33.05 -20.50 30.16
C THR A 233 -31.92 -19.65 30.77
N GLU A 234 -32.21 -18.39 31.11
CA GLU A 234 -31.20 -17.59 31.79
C GLU A 234 -31.59 -17.27 33.24
N PRO A 235 -30.90 -17.88 34.18
CA PRO A 235 -31.13 -17.63 35.61
C PRO A 235 -30.73 -16.25 36.12
N ARG A 236 -29.57 -15.76 35.69
CA ARG A 236 -28.99 -14.53 36.25
C ARG A 236 -29.20 -13.27 35.42
N LEU A 237 -29.90 -13.41 34.30
CA LEU A 237 -30.06 -12.30 33.36
C LEU A 237 -30.45 -11.04 34.11
N VAL A 238 -31.54 -11.14 34.89
CA VAL A 238 -32.05 -9.99 35.61
C VAL A 238 -30.94 -9.33 36.41
N SER A 239 -30.14 -10.16 37.08
CA SER A 239 -29.08 -9.62 37.94
C SER A 239 -28.12 -8.77 37.13
N LYS A 240 -27.68 -9.31 36.00
CA LYS A 240 -26.81 -8.57 35.10
C LYS A 240 -27.44 -7.25 34.71
N LEU A 241 -28.71 -7.28 34.35
CA LEU A 241 -29.42 -6.08 33.95
C LEU A 241 -29.43 -5.08 35.10
N VAL A 242 -29.72 -5.57 36.30
CA VAL A 242 -29.76 -4.71 37.47
C VAL A 242 -28.40 -4.05 37.66
N SER A 243 -27.34 -4.83 37.43
CA SER A 243 -25.99 -4.31 37.58
C SER A 243 -25.80 -3.14 36.61
N LEU A 244 -26.27 -3.32 35.38
CA LEU A 244 -26.12 -2.30 34.37
C LEU A 244 -26.90 -1.02 34.68
N MET A 245 -27.81 -1.07 35.65
CA MET A 245 -28.50 0.15 36.06
C MET A 245 -27.56 1.08 36.84
N ASP A 246 -26.32 0.65 37.03
CA ASP A 246 -25.38 1.50 37.73
C ASP A 246 -24.16 1.72 36.84
N SER A 247 -24.37 1.53 35.54
CA SER A 247 -23.32 1.73 34.54
C SER A 247 -22.95 3.21 34.39
N PRO A 248 -21.69 3.48 34.03
CA PRO A 248 -21.26 4.83 33.65
C PRO A 248 -21.86 5.27 32.32
N SER A 249 -22.23 4.31 31.48
CA SER A 249 -22.82 4.64 30.19
C SER A 249 -24.30 4.96 30.34
N SER A 250 -24.69 6.16 29.92
CA SER A 250 -26.07 6.59 30.01
C SER A 250 -26.99 5.73 29.15
N ARG A 251 -26.58 5.48 27.92
CA ARG A 251 -27.37 4.68 26.99
C ARG A 251 -27.62 3.29 27.59
N VAL A 252 -26.58 2.73 28.20
CA VAL A 252 -26.67 1.42 28.81
C VAL A 252 -27.58 1.43 30.05
N LYS A 253 -27.42 2.43 30.92
CA LYS A 253 -28.35 2.64 32.02
C LYS A 253 -29.81 2.60 31.56
N CYS A 254 -30.12 3.53 30.66
CA CYS A 254 -31.46 3.69 30.13
C CYS A 254 -31.99 2.40 29.51
N GLN A 255 -31.21 1.83 28.59
CA GLN A 255 -31.66 0.68 27.82
C GLN A 255 -31.80 -0.57 28.68
N ALA A 256 -30.94 -0.70 29.68
CA ALA A 256 -31.05 -1.81 30.62
C ALA A 256 -32.33 -1.66 31.44
N THR A 257 -32.62 -0.42 31.84
CA THR A 257 -33.85 -0.16 32.58
C THR A 257 -35.10 -0.48 31.74
N LEU A 258 -35.06 -0.11 30.47
CA LEU A 258 -36.16 -0.39 29.55
C LEU A 258 -36.32 -1.90 29.35
N ALA A 259 -35.20 -2.60 29.30
CA ALA A 259 -35.20 -4.05 29.26
C ALA A 259 -35.92 -4.62 30.48
N LEU A 260 -35.51 -4.16 31.66
CA LEU A 260 -36.11 -4.58 32.92
C LEU A 260 -37.62 -4.34 32.94
N ARG A 261 -38.05 -3.22 32.39
CA ARG A 261 -39.48 -2.95 32.25
C ARG A 261 -40.14 -4.03 31.36
N ASN A 262 -39.56 -4.24 30.18
CA ASN A 262 -40.12 -5.20 29.24
C ASN A 262 -40.27 -6.59 29.85
N LEU A 263 -39.29 -6.97 30.66
CA LEU A 263 -39.39 -8.24 31.39
C LEU A 263 -40.50 -8.16 32.42
N ALA A 264 -40.56 -7.03 33.13
CA ALA A 264 -41.55 -6.83 34.18
C ALA A 264 -42.97 -6.65 33.62
N SER A 265 -43.12 -6.82 32.31
CA SER A 265 -44.45 -7.00 31.72
C SER A 265 -45.16 -8.22 32.33
N ASP A 266 -44.37 -9.19 32.79
CA ASP A 266 -44.90 -10.40 33.39
C ASP A 266 -44.75 -10.41 34.91
N THR A 267 -45.58 -11.20 35.58
CA THR A 267 -45.61 -11.28 37.04
C THR A 267 -44.31 -11.85 37.63
N SER A 268 -43.83 -12.91 37.00
CA SER A 268 -42.56 -13.54 37.36
C SER A 268 -41.47 -12.52 37.60
N TYR A 269 -41.18 -11.75 36.55
CA TYR A 269 -40.13 -10.74 36.62
C TYR A 269 -40.51 -9.57 37.53
N GLN A 270 -41.80 -9.30 37.67
CA GLN A 270 -42.26 -8.26 38.59
C GLN A 270 -41.79 -8.58 40.01
N LEU A 271 -41.78 -9.87 40.36
CA LEU A 271 -41.27 -10.27 41.67
C LEU A 271 -39.76 -10.43 41.66
N GLU A 272 -39.24 -10.99 40.57
CA GLU A 272 -37.83 -11.31 40.46
C GLU A 272 -36.92 -10.09 40.54
N ILE A 273 -37.34 -9.00 39.91
CA ILE A 273 -36.54 -7.78 39.90
C ILE A 273 -36.42 -7.18 41.30
N VAL A 274 -37.52 -7.15 42.04
CA VAL A 274 -37.50 -6.69 43.43
C VAL A 274 -36.61 -7.60 44.28
N ARG A 275 -36.73 -8.91 44.09
CA ARG A 275 -35.86 -9.85 44.78
C ARG A 275 -34.38 -9.56 44.49
N ALA A 276 -34.10 -9.13 43.26
CA ALA A 276 -32.73 -8.84 42.85
C ALA A 276 -32.30 -7.46 43.33
N GLY A 277 -33.12 -6.85 44.18
CA GLY A 277 -32.83 -5.56 44.77
C GLY A 277 -32.68 -4.46 43.74
N GLY A 278 -33.67 -4.32 42.87
CA GLY A 278 -33.63 -3.29 41.85
C GLY A 278 -34.32 -2.00 42.26
N LEU A 279 -34.91 -1.98 43.45
CA LEU A 279 -35.62 -0.79 43.91
C LEU A 279 -34.64 0.36 44.19
N PRO A 280 -33.58 0.12 44.99
CA PRO A 280 -32.68 1.25 45.26
C PRO A 280 -32.05 1.84 44.00
N HIS A 281 -31.85 1.05 42.96
CA HIS A 281 -31.39 1.60 41.69
C HIS A 281 -32.47 2.50 41.09
N LEU A 282 -33.68 1.97 41.00
CA LEU A 282 -34.81 2.66 40.37
C LEU A 282 -35.20 3.96 41.07
N VAL A 283 -35.11 3.99 42.40
CA VAL A 283 -35.59 5.12 43.18
C VAL A 283 -34.61 6.29 43.02
N LYS A 284 -33.33 5.98 42.81
CA LYS A 284 -32.35 7.00 42.48
C LYS A 284 -32.46 7.39 41.01
N LEU A 285 -32.92 6.45 40.18
CA LEU A 285 -33.01 6.72 38.76
C LEU A 285 -34.18 7.62 38.38
N ILE A 286 -35.23 7.66 39.21
CA ILE A 286 -36.38 8.52 38.92
C ILE A 286 -36.08 9.97 39.30
N GLN A 287 -35.15 10.15 40.24
CA GLN A 287 -34.76 11.49 40.68
C GLN A 287 -33.60 12.00 39.85
N SER A 288 -33.30 11.29 38.76
CA SER A 288 -32.30 11.68 37.78
C SER A 288 -32.62 13.03 37.13
N ASP A 289 -31.59 13.75 36.72
CA ASP A 289 -31.76 15.01 36.00
C ASP A 289 -31.77 14.71 34.51
N SER A 290 -31.59 13.44 34.18
CA SER A 290 -31.76 12.95 32.82
C SER A 290 -33.18 12.47 32.59
N ILE A 291 -33.96 13.25 31.85
CA ILE A 291 -35.36 12.93 31.60
C ILE A 291 -35.56 11.54 30.98
N PRO A 292 -34.67 11.11 30.06
CA PRO A 292 -34.86 9.75 29.54
C PRO A 292 -34.74 8.67 30.61
N LEU A 293 -33.77 8.84 31.50
CA LEU A 293 -33.58 7.93 32.63
C LEU A 293 -34.80 7.90 33.53
N VAL A 294 -35.35 9.09 33.80
CA VAL A 294 -36.56 9.22 34.59
C VAL A 294 -37.71 8.45 33.95
N LEU A 295 -37.87 8.64 32.64
CA LEU A 295 -38.89 7.95 31.86
C LEU A 295 -38.77 6.43 31.98
N ALA A 296 -37.57 5.92 31.75
CA ALA A 296 -37.32 4.48 31.80
C ALA A 296 -37.61 3.91 33.19
N SER A 297 -37.07 4.58 34.21
CA SER A 297 -37.21 4.12 35.57
C SER A 297 -38.66 4.15 36.06
N VAL A 298 -39.40 5.21 35.74
CA VAL A 298 -40.79 5.30 36.17
C VAL A 298 -41.67 4.27 35.44
N ALA A 299 -41.37 4.04 34.15
CA ALA A 299 -42.10 2.99 33.43
C ALA A 299 -41.88 1.64 34.11
N CYS A 300 -40.61 1.35 34.39
CA CYS A 300 -40.23 0.12 35.04
C CYS A 300 -40.91 -0.07 36.40
N ILE A 301 -40.82 0.95 37.25
CA ILE A 301 -41.42 0.86 38.58
C ILE A 301 -42.94 0.71 38.48
N ARG A 302 -43.54 1.26 37.43
CA ARG A 302 -44.97 1.06 37.23
C ARG A 302 -45.28 -0.44 37.01
N ASN A 303 -44.62 -1.01 35.99
CA ASN A 303 -44.80 -2.41 35.69
C ASN A 303 -44.55 -3.30 36.92
N ILE A 304 -43.56 -2.93 37.73
CA ILE A 304 -43.25 -3.70 38.92
C ILE A 304 -44.30 -3.51 40.00
N SER A 305 -44.84 -2.30 40.09
CA SER A 305 -45.81 -1.97 41.13
C SER A 305 -47.15 -2.63 40.86
N ILE A 306 -47.31 -3.16 39.65
CA ILE A 306 -48.49 -3.98 39.34
C ILE A 306 -48.77 -5.06 40.40
N HIS A 307 -47.73 -5.79 40.80
CA HIS A 307 -47.87 -6.87 41.79
C HIS A 307 -48.17 -6.32 43.18
N PRO A 308 -49.27 -6.80 43.79
CA PRO A 308 -49.68 -6.34 45.13
C PRO A 308 -48.58 -6.55 46.18
N LEU A 309 -47.99 -7.74 46.15
CA LEU A 309 -46.96 -8.15 47.10
C LEU A 309 -45.79 -7.17 47.15
N ASN A 310 -45.55 -6.48 46.05
CA ASN A 310 -44.42 -5.56 45.96
C ASN A 310 -44.64 -4.26 46.75
N GLU A 311 -45.89 -3.92 47.01
CA GLU A 311 -46.21 -2.60 47.56
C GLU A 311 -45.39 -2.29 48.81
N GLY A 312 -45.44 -3.20 49.77
CA GLY A 312 -44.68 -3.07 51.01
C GLY A 312 -43.27 -2.58 50.75
N LEU A 313 -42.56 -3.27 49.87
CA LEU A 313 -41.18 -2.89 49.56
C LEU A 313 -41.10 -1.55 48.84
N ILE A 314 -41.96 -1.38 47.84
CA ILE A 314 -41.92 -0.21 46.97
C ILE A 314 -42.14 1.08 47.76
N VAL A 315 -42.98 1.00 48.78
CA VAL A 315 -43.27 2.17 49.62
C VAL A 315 -42.08 2.45 50.54
N ASP A 316 -41.40 1.39 50.96
CA ASP A 316 -40.33 1.50 51.94
C ASP A 316 -39.01 1.92 51.28
N ALA A 317 -38.86 1.65 49.99
CA ALA A 317 -37.80 2.30 49.22
C ALA A 317 -38.03 3.80 49.19
N GLY A 318 -39.29 4.19 49.39
CA GLY A 318 -39.69 5.59 49.35
C GLY A 318 -39.83 6.11 47.94
N PHE A 319 -40.69 5.47 47.17
CA PHE A 319 -41.00 5.90 45.82
C PHE A 319 -42.01 7.05 45.84
N LEU A 320 -42.81 7.08 46.90
CA LEU A 320 -43.98 7.96 47.00
C LEU A 320 -43.68 9.43 46.67
N LYS A 321 -42.88 10.08 47.49
CA LYS A 321 -42.61 11.51 47.30
C LYS A 321 -41.92 11.84 45.96
N PRO A 322 -40.98 10.98 45.52
CA PRO A 322 -40.45 11.16 44.16
C PRO A 322 -41.51 11.11 43.06
N LEU A 323 -42.42 10.15 43.13
CA LEU A 323 -43.53 10.03 42.19
C LEU A 323 -44.43 11.28 42.23
N VAL A 324 -44.74 11.70 43.46
CA VAL A 324 -45.62 12.83 43.70
C VAL A 324 -45.03 14.09 43.09
N ARG A 325 -43.70 14.20 43.10
CA ARG A 325 -43.07 15.38 42.52
C ARG A 325 -42.76 15.09 41.07
N LEU A 326 -43.02 13.86 40.67
CA LEU A 326 -42.92 13.47 39.28
C LEU A 326 -44.20 13.88 38.54
N LEU A 327 -45.26 14.13 39.28
CA LEU A 327 -46.47 14.65 38.67
C LEU A 327 -46.27 16.08 38.16
N ASP A 328 -45.22 16.74 38.62
CA ASP A 328 -44.93 18.11 38.25
C ASP A 328 -44.15 18.25 36.93
N TYR A 329 -43.85 17.13 36.29
CA TYR A 329 -43.13 17.14 35.03
C TYR A 329 -44.12 17.43 33.90
N LYS A 330 -44.57 18.69 33.86
CA LYS A 330 -45.60 19.15 32.93
C LYS A 330 -45.22 18.92 31.47
N ASP A 331 -43.91 18.91 31.22
CA ASP A 331 -43.37 18.75 29.87
C ASP A 331 -43.34 17.30 29.40
N SER A 332 -43.49 16.36 30.32
CA SER A 332 -43.56 14.96 29.93
C SER A 332 -44.86 14.29 30.39
N GLU A 333 -45.80 14.17 29.45
CA GLU A 333 -47.10 13.57 29.73
C GLU A 333 -46.97 12.08 30.01
N GLU A 334 -46.05 11.41 29.34
CA GLU A 334 -45.85 9.98 29.55
C GLU A 334 -45.37 9.72 30.97
N ILE A 335 -44.43 10.53 31.42
CA ILE A 335 -43.95 10.47 32.80
C ILE A 335 -45.10 10.68 33.80
N GLN A 336 -45.94 11.66 33.53
CA GLN A 336 -47.10 11.92 34.37
C GLN A 336 -48.00 10.69 34.45
N CYS A 337 -48.29 10.10 33.30
CA CYS A 337 -49.15 8.91 33.24
C CYS A 337 -48.55 7.75 34.00
N HIS A 338 -47.26 7.50 33.82
CA HIS A 338 -46.57 6.41 34.51
C HIS A 338 -46.58 6.62 36.02
N ALA A 339 -46.35 7.87 36.44
CA ALA A 339 -46.32 8.20 37.86
C ALA A 339 -47.68 7.97 38.51
N VAL A 340 -48.72 8.59 37.92
CA VAL A 340 -50.07 8.43 38.45
C VAL A 340 -50.48 6.96 38.46
N SER A 341 -50.15 6.25 37.38
CA SER A 341 -50.46 4.83 37.28
C SER A 341 -49.80 4.03 38.41
N THR A 342 -48.53 4.31 38.69
CA THR A 342 -47.82 3.67 39.77
C THR A 342 -48.48 3.94 41.12
N LEU A 343 -48.80 5.21 41.37
CA LEU A 343 -49.51 5.59 42.60
C LEU A 343 -50.83 4.83 42.72
N ARG A 344 -51.50 4.67 41.59
CA ARG A 344 -52.78 3.97 41.56
C ARG A 344 -52.60 2.49 41.87
N ASN A 345 -51.54 1.86 41.40
CA ASN A 345 -51.36 0.44 41.70
C ASN A 345 -50.94 0.22 43.16
N LEU A 346 -50.16 1.17 43.68
CA LEU A 346 -49.82 1.16 45.10
C LEU A 346 -51.06 1.29 45.96
N ALA A 347 -51.95 2.20 45.56
CA ALA A 347 -53.18 2.42 46.29
C ALA A 347 -54.13 1.23 46.17
N ALA A 348 -54.10 0.58 45.01
CA ALA A 348 -55.00 -0.53 44.71
C ALA A 348 -54.60 -1.82 45.42
N SER A 349 -53.31 -2.00 45.68
CA SER A 349 -52.86 -3.25 46.28
C SER A 349 -53.17 -3.43 47.79
N SER A 350 -52.94 -2.41 48.61
CA SER A 350 -53.12 -2.56 50.07
C SER A 350 -53.75 -1.32 50.71
N GLU A 351 -54.71 -1.55 51.61
CA GLU A 351 -55.35 -0.49 52.38
C GLU A 351 -54.49 0.25 53.43
N LYS A 352 -53.67 -0.50 54.16
CA LYS A 352 -53.08 -0.05 55.42
C LYS A 352 -52.13 1.15 55.42
N ASN A 353 -51.31 1.23 54.37
CA ASN A 353 -50.18 2.17 54.27
C ASN A 353 -50.58 3.50 53.64
N ARG A 354 -51.89 3.70 53.49
CA ARG A 354 -52.44 4.87 52.81
C ARG A 354 -52.03 6.19 53.48
N LYS A 355 -51.92 6.19 54.80
CA LYS A 355 -51.66 7.43 55.53
C LYS A 355 -50.34 8.05 55.08
N GLU A 356 -49.30 7.24 54.88
CA GLU A 356 -48.11 7.70 54.21
C GLU A 356 -48.47 8.25 52.83
N PHE A 357 -49.39 7.57 52.16
CA PHE A 357 -49.87 7.96 50.83
C PHE A 357 -50.53 9.34 50.88
N PHE A 358 -51.10 9.68 52.03
CA PHE A 358 -51.69 11.01 52.22
C PHE A 358 -50.68 12.03 52.72
N GLU A 359 -49.61 11.56 53.35
CA GLU A 359 -48.55 12.46 53.78
C GLU A 359 -47.63 12.83 52.63
N SER A 360 -47.78 12.13 51.51
CA SER A 360 -46.84 12.31 50.40
C SER A 360 -47.33 13.53 49.63
N GLY A 361 -48.64 13.73 49.67
CA GLY A 361 -49.30 14.83 48.98
C GLY A 361 -49.78 14.40 47.61
N ALA A 362 -49.88 13.08 47.43
CA ALA A 362 -50.33 12.52 46.15
C ALA A 362 -51.77 12.90 45.82
N VAL A 363 -52.64 12.81 46.82
CA VAL A 363 -54.06 13.10 46.62
C VAL A 363 -54.28 14.55 46.21
N GLU A 364 -53.58 15.44 46.91
CA GLU A 364 -53.77 16.87 46.74
C GLU A 364 -53.15 17.38 45.45
N LYS A 365 -52.10 16.69 45.01
CA LYS A 365 -51.42 17.07 43.77
C LYS A 365 -52.16 16.48 42.57
N CYS A 366 -52.78 15.31 42.77
CA CYS A 366 -53.66 14.72 41.78
C CYS A 366 -54.91 15.58 41.60
N LYS A 367 -55.40 16.11 42.72
CA LYS A 367 -56.55 17.01 42.72
C LYS A 367 -56.19 18.26 41.95
N GLU A 368 -55.06 18.85 42.32
CA GLU A 368 -54.56 20.06 41.69
C GLU A 368 -54.35 19.88 40.19
N LEU A 369 -53.91 18.69 39.81
CA LEU A 369 -53.54 18.40 38.43
C LEU A 369 -54.75 18.02 37.60
N ALA A 370 -55.79 17.52 38.27
CA ALA A 370 -56.96 16.98 37.59
C ALA A 370 -57.75 18.06 36.85
N LEU A 371 -57.58 19.30 37.26
CA LEU A 371 -58.34 20.40 36.67
C LEU A 371 -57.63 21.07 35.49
N ASP A 372 -56.32 20.86 35.38
CA ASP A 372 -55.55 21.51 34.32
C ASP A 372 -54.43 20.61 33.84
N SER A 373 -54.77 19.62 33.03
CA SER A 373 -53.80 18.68 32.49
C SER A 373 -54.41 17.93 31.30
N PRO A 374 -53.58 17.27 30.48
CA PRO A 374 -54.07 16.49 29.35
C PRO A 374 -55.11 15.44 29.72
N VAL A 375 -55.89 15.01 28.73
CA VAL A 375 -56.94 14.02 28.93
C VAL A 375 -56.34 12.67 29.33
N SER A 376 -55.07 12.46 28.96
CA SER A 376 -54.32 11.29 29.39
C SER A 376 -54.22 11.27 30.91
N VAL A 377 -53.50 12.27 31.42
CA VAL A 377 -53.31 12.47 32.85
C VAL A 377 -54.64 12.52 33.58
N GLN A 378 -55.62 13.18 32.96
CA GLN A 378 -56.97 13.24 33.49
C GLN A 378 -57.57 11.86 33.72
N SER A 379 -57.58 11.02 32.69
CA SER A 379 -58.17 9.69 32.83
C SER A 379 -57.41 8.85 33.85
N GLU A 380 -56.10 9.06 33.93
CA GLU A 380 -55.29 8.35 34.92
C GLU A 380 -55.66 8.74 36.35
N ILE A 381 -55.63 10.04 36.63
CA ILE A 381 -56.03 10.59 37.92
C ILE A 381 -57.43 10.14 38.29
N SER A 382 -58.32 10.14 37.29
CA SER A 382 -59.70 9.71 37.47
C SER A 382 -59.76 8.28 38.01
N ALA A 383 -59.10 7.36 37.31
CA ALA A 383 -59.08 5.97 37.76
C ALA A 383 -58.46 5.87 39.16
N CYS A 384 -57.49 6.74 39.43
CA CYS A 384 -56.80 6.75 40.72
C CYS A 384 -57.75 7.12 41.87
N PHE A 385 -58.52 8.19 41.67
CA PHE A 385 -59.53 8.60 42.65
C PHE A 385 -60.57 7.51 42.84
N ALA A 386 -61.02 6.94 41.72
CA ALA A 386 -61.98 5.84 41.76
C ALA A 386 -61.46 4.68 42.60
N ILE A 387 -60.15 4.43 42.55
CA ILE A 387 -59.57 3.37 43.36
C ILE A 387 -59.51 3.77 44.83
N LEU A 388 -59.07 4.99 45.10
CA LEU A 388 -58.95 5.47 46.47
C LEU A 388 -60.30 5.44 47.18
N ALA A 389 -61.37 5.69 46.43
CA ALA A 389 -62.70 5.84 47.00
C ALA A 389 -63.40 4.51 47.31
N LEU A 390 -62.71 3.38 47.14
CA LEU A 390 -63.29 2.09 47.45
C LEU A 390 -63.10 1.74 48.92
N ALA A 391 -61.89 1.98 49.43
CA ALA A 391 -61.58 1.66 50.82
C ALA A 391 -62.40 2.56 51.75
N ASP A 392 -63.08 1.93 52.70
CA ASP A 392 -63.99 2.64 53.58
C ASP A 392 -63.22 3.45 54.62
N VAL A 393 -62.01 2.99 54.93
CA VAL A 393 -61.18 3.61 55.96
C VAL A 393 -60.74 5.03 55.61
N SER A 394 -60.70 5.36 54.32
CA SER A 394 -60.09 6.62 53.90
C SER A 394 -61.09 7.57 53.22
N LYS A 395 -62.33 7.13 53.05
CA LYS A 395 -63.34 7.94 52.36
C LYS A 395 -63.43 9.32 52.98
N LEU A 396 -63.59 9.34 54.31
CA LEU A 396 -63.71 10.59 55.04
C LEU A 396 -62.52 11.48 54.77
N ASP A 397 -61.33 10.90 54.77
CA ASP A 397 -60.13 11.72 54.60
C ASP A 397 -60.19 12.35 53.22
N LEU A 398 -60.54 11.54 52.22
CA LEU A 398 -60.68 12.02 50.85
C LEU A 398 -61.69 13.16 50.78
N LEU A 399 -62.78 13.04 51.53
CA LEU A 399 -63.81 14.05 51.50
C LEU A 399 -63.32 15.37 52.09
N GLU A 400 -62.50 15.29 53.13
CA GLU A 400 -62.06 16.52 53.80
C GLU A 400 -60.74 16.99 53.23
N ALA A 401 -60.29 16.30 52.19
CA ALA A 401 -59.25 16.79 51.31
C ALA A 401 -59.91 17.49 50.12
N ASN A 402 -61.21 17.75 50.27
CA ASN A 402 -62.03 18.37 49.22
C ASN A 402 -61.89 17.73 47.84
N ILE A 403 -61.97 16.41 47.79
CA ILE A 403 -61.81 15.72 46.52
C ILE A 403 -63.02 15.97 45.63
N LEU A 404 -64.15 16.27 46.25
CA LEU A 404 -65.39 16.57 45.53
C LEU A 404 -65.22 17.83 44.67
N ASP A 405 -64.26 18.67 45.02
CA ASP A 405 -64.00 19.89 44.26
C ASP A 405 -63.30 19.57 42.94
N ALA A 406 -62.81 18.33 42.83
CA ALA A 406 -62.24 17.88 41.57
C ALA A 406 -63.12 16.83 40.93
N LEU A 407 -63.66 15.92 41.75
CA LEU A 407 -64.53 14.86 41.25
C LEU A 407 -65.76 15.40 40.51
N ILE A 408 -66.42 16.40 41.11
CA ILE A 408 -67.65 16.94 40.54
C ILE A 408 -67.43 17.51 39.13
N PRO A 409 -66.50 18.47 38.95
CA PRO A 409 -66.36 18.96 37.58
C PRO A 409 -65.88 17.88 36.60
N MET A 410 -65.10 16.92 37.09
CA MET A 410 -64.62 15.82 36.25
C MET A 410 -65.77 15.01 35.65
N THR A 411 -66.92 15.00 36.30
CA THR A 411 -68.07 14.25 35.79
C THR A 411 -68.63 14.90 34.53
N PHE A 412 -68.23 16.14 34.26
CA PHE A 412 -68.65 16.82 33.04
C PHE A 412 -67.90 16.33 31.80
N SER A 413 -66.67 15.87 32.02
CA SER A 413 -65.75 15.56 30.91
C SER A 413 -66.39 14.76 29.79
N GLN A 414 -66.07 15.13 28.57
CA GLN A 414 -66.56 14.42 27.40
C GLN A 414 -65.89 13.06 27.30
N ASN A 415 -64.69 12.95 27.88
CA ASN A 415 -63.98 11.69 27.88
C ASN A 415 -64.60 10.78 28.89
N GLN A 416 -65.05 9.63 28.42
CA GLN A 416 -65.92 8.75 29.19
C GLN A 416 -65.17 8.04 30.32
N GLU A 417 -63.88 7.82 30.13
CA GLU A 417 -63.06 7.23 31.19
C GLU A 417 -63.02 8.19 32.38
N VAL A 418 -62.74 9.47 32.10
CA VAL A 418 -62.70 10.50 33.13
C VAL A 418 -64.04 10.63 33.85
N SER A 419 -65.07 11.00 33.10
CA SER A 419 -66.38 11.27 33.69
C SER A 419 -66.91 10.04 34.41
N GLY A 420 -66.76 8.89 33.76
CA GLY A 420 -67.18 7.62 34.33
C GLY A 420 -66.52 7.32 35.67
N ASN A 421 -65.19 7.31 35.67
CA ASN A 421 -64.45 7.01 36.89
C ASN A 421 -64.74 8.01 38.01
N ALA A 422 -64.75 9.29 37.66
CA ALA A 422 -65.05 10.36 38.60
C ALA A 422 -66.40 10.11 39.24
N ALA A 423 -67.37 9.75 38.41
CA ALA A 423 -68.72 9.46 38.86
C ALA A 423 -68.75 8.30 39.84
N ALA A 424 -68.05 7.23 39.48
CA ALA A 424 -67.95 6.07 40.36
C ALA A 424 -67.36 6.45 41.72
N ALA A 425 -66.29 7.24 41.69
CA ALA A 425 -65.64 7.72 42.90
C ALA A 425 -66.64 8.47 43.78
N LEU A 426 -67.31 9.45 43.17
CA LEU A 426 -68.31 10.26 43.86
C LEU A 426 -69.39 9.37 44.49
N ALA A 427 -69.87 8.39 43.71
CA ALA A 427 -70.90 7.47 44.16
C ALA A 427 -70.47 6.66 45.37
N ASN A 428 -69.24 6.14 45.34
CA ASN A 428 -68.71 5.39 46.47
C ASN A 428 -68.50 6.27 47.70
N LEU A 429 -68.14 7.52 47.47
CA LEU A 429 -67.92 8.46 48.57
C LEU A 429 -69.21 8.86 49.28
N CYS A 430 -70.35 8.62 48.63
CA CYS A 430 -71.65 8.91 49.24
C CYS A 430 -72.25 7.68 49.91
N SER A 431 -71.57 6.54 49.78
CA SER A 431 -72.09 5.27 50.29
C SER A 431 -71.35 4.88 51.57
N ARG A 432 -72.11 4.70 52.65
CA ARG A 432 -71.59 4.24 53.94
C ARG A 432 -70.53 5.13 54.57
N VAL A 433 -70.76 6.44 54.65
CA VAL A 433 -69.83 7.27 55.40
C VAL A 433 -70.53 7.75 56.68
N ASN A 434 -69.78 7.89 57.75
CA ASN A 434 -70.36 8.26 59.04
C ASN A 434 -70.54 9.76 59.19
N ASN A 435 -69.88 10.52 58.32
CA ASN A 435 -70.03 11.98 58.33
C ASN A 435 -70.28 12.53 56.94
N TYR A 436 -71.42 13.18 56.77
CA TYR A 436 -71.86 13.69 55.48
C TYR A 436 -71.70 15.21 55.31
N THR A 437 -70.90 15.83 56.18
CA THR A 437 -70.75 17.29 56.17
C THR A 437 -70.33 17.83 54.81
N LYS A 438 -69.21 17.32 54.30
CA LYS A 438 -68.63 17.79 53.04
C LYS A 438 -69.49 17.46 51.83
N ILE A 439 -70.30 16.42 51.93
CA ILE A 439 -71.20 16.05 50.84
C ILE A 439 -72.35 17.06 50.79
N ILE A 440 -72.87 17.39 51.97
CA ILE A 440 -73.92 18.38 52.10
C ILE A 440 -73.42 19.73 51.59
N GLU A 441 -72.16 20.03 51.88
CA GLU A 441 -71.58 21.28 51.37
C GLU A 441 -71.41 21.23 49.85
N ALA A 442 -71.02 20.07 49.32
CA ALA A 442 -70.79 19.95 47.88
C ALA A 442 -72.08 19.59 47.14
N TRP A 443 -73.21 19.82 47.79
CA TRP A 443 -74.51 19.58 47.16
C TRP A 443 -74.76 20.55 46.00
N ASP A 444 -74.38 21.81 46.17
CA ASP A 444 -74.60 22.84 45.14
C ASP A 444 -73.33 23.32 44.45
N ARG A 445 -72.24 23.43 45.19
CA ARG A 445 -71.01 24.00 44.66
C ARG A 445 -69.85 23.03 44.83
N PRO A 446 -68.88 23.06 43.89
CA PRO A 446 -68.84 23.90 42.69
C PRO A 446 -69.52 23.21 41.51
N ASN A 447 -69.68 23.93 40.40
CA ASN A 447 -70.17 23.35 39.15
C ASN A 447 -71.49 22.59 39.31
N GLU A 448 -72.47 23.27 39.89
CA GLU A 448 -73.81 22.72 40.10
C GLU A 448 -73.84 21.56 41.10
N GLY A 449 -72.69 21.25 41.66
CA GLY A 449 -72.57 20.30 42.76
C GLY A 449 -73.05 18.87 42.49
N ILE A 450 -73.15 18.10 43.56
CA ILE A 450 -73.60 16.72 43.50
C ILE A 450 -75.01 16.64 42.93
N ARG A 451 -75.87 17.54 43.36
CA ARG A 451 -77.22 17.67 42.83
C ARG A 451 -77.24 17.76 41.31
N GLY A 452 -76.45 18.70 40.79
CA GLY A 452 -76.27 18.88 39.37
C GLY A 452 -75.78 17.60 38.71
N PHE A 453 -74.82 16.94 39.35
CA PHE A 453 -74.31 15.65 38.87
C PHE A 453 -75.42 14.62 38.67
N LEU A 454 -76.21 14.40 39.72
CA LEU A 454 -77.31 13.44 39.71
C LEU A 454 -78.30 13.75 38.60
N ILE A 455 -78.73 15.01 38.52
CA ILE A 455 -79.65 15.42 37.47
C ILE A 455 -79.09 15.12 36.08
N ARG A 456 -77.87 15.59 35.86
CA ARG A 456 -77.15 15.40 34.59
C ARG A 456 -77.10 13.95 34.17
N PHE A 457 -76.72 13.08 35.10
CA PHE A 457 -76.53 11.67 34.80
C PHE A 457 -77.86 10.94 34.61
N LEU A 458 -78.92 11.42 35.27
CA LEU A 458 -80.25 10.88 35.01
C LEU A 458 -80.73 11.25 33.60
N LYS A 459 -80.51 12.50 33.21
CA LYS A 459 -80.97 12.97 31.90
C LYS A 459 -80.15 12.38 30.75
N SER A 460 -79.01 11.79 31.08
CA SER A 460 -78.19 11.14 30.06
C SER A 460 -78.97 9.97 29.48
N ASP A 461 -78.54 9.47 28.33
CA ASP A 461 -79.19 8.31 27.75
C ASP A 461 -78.22 7.14 27.80
N TYR A 462 -77.30 7.22 28.75
CA TYR A 462 -76.34 6.15 29.01
C TYR A 462 -76.80 5.28 30.16
N ALA A 463 -76.97 3.99 29.92
CA ALA A 463 -77.48 3.07 30.92
C ALA A 463 -76.62 3.08 32.18
N THR A 464 -75.30 3.10 31.99
CA THR A 464 -74.34 3.10 33.07
C THR A 464 -74.54 4.31 33.99
N PHE A 465 -74.62 5.49 33.38
CA PHE A 465 -74.70 6.73 34.15
C PHE A 465 -76.04 6.86 34.88
N GLU A 466 -77.11 6.44 34.22
CA GLU A 466 -78.42 6.35 34.87
C GLU A 466 -78.30 5.47 36.11
N HIS A 467 -77.66 4.32 35.94
CA HIS A 467 -77.47 3.38 37.03
C HIS A 467 -76.72 4.03 38.19
N ILE A 468 -75.62 4.72 37.86
CA ILE A 468 -74.80 5.39 38.87
C ILE A 468 -75.60 6.44 39.64
N ALA A 469 -76.38 7.24 38.92
CA ALA A 469 -77.18 8.29 39.55
C ALA A 469 -78.21 7.69 40.51
N LEU A 470 -79.03 6.77 39.99
CA LEU A 470 -80.06 6.13 40.81
C LEU A 470 -79.46 5.45 42.06
N TRP A 471 -78.38 4.72 41.84
CA TRP A 471 -77.70 4.02 42.92
C TRP A 471 -77.20 4.98 43.97
N THR A 472 -76.58 6.06 43.52
CA THR A 472 -76.04 7.09 44.41
C THR A 472 -77.12 7.73 45.28
N ILE A 473 -78.21 8.18 44.65
CA ILE A 473 -79.27 8.82 45.41
C ILE A 473 -79.86 7.82 46.41
N LEU A 474 -79.95 6.54 46.01
CA LEU A 474 -80.40 5.51 46.94
C LEU A 474 -79.46 5.45 48.14
N GLN A 475 -78.16 5.49 47.88
CA GLN A 475 -77.16 5.50 48.96
C GLN A 475 -77.32 6.72 49.88
N LEU A 476 -77.71 7.84 49.30
CA LEU A 476 -77.89 9.07 50.08
C LEU A 476 -79.09 8.89 51.01
N LEU A 477 -80.19 8.40 50.45
CA LEU A 477 -81.39 8.14 51.24
C LEU A 477 -81.13 7.09 52.31
N GLU A 478 -80.23 6.15 52.01
CA GLU A 478 -79.92 5.04 52.92
C GLU A 478 -78.96 5.44 54.03
N SER A 479 -78.38 6.62 53.92
CA SER A 479 -77.66 7.18 55.06
C SER A 479 -78.68 7.54 56.11
N HIS A 480 -78.30 7.47 57.38
CA HIS A 480 -79.28 7.74 58.42
C HIS A 480 -79.12 9.19 58.87
N ASN A 481 -78.62 10.00 57.95
CA ASN A 481 -78.56 11.44 58.12
C ASN A 481 -79.87 12.10 57.65
N ASP A 482 -80.52 12.86 58.51
CA ASP A 482 -81.81 13.45 58.18
C ASP A 482 -81.68 14.53 57.09
N LYS A 483 -80.62 15.32 57.18
CA LYS A 483 -80.44 16.45 56.27
C LYS A 483 -80.27 16.02 54.81
N VAL A 484 -79.41 15.06 54.56
CA VAL A 484 -79.24 14.56 53.20
C VAL A 484 -80.54 13.92 52.70
N GLU A 485 -81.22 13.18 53.58
CA GLU A 485 -82.50 12.58 53.22
C GLU A 485 -83.42 13.66 52.65
N ASP A 486 -83.56 14.78 53.35
CA ASP A 486 -84.51 15.81 52.88
C ASP A 486 -83.95 16.73 51.80
N LEU A 487 -82.63 16.78 51.67
CA LEU A 487 -82.03 17.46 50.53
C LEU A 487 -82.45 16.69 49.30
N VAL A 488 -82.38 15.36 49.36
CA VAL A 488 -82.75 14.57 48.20
C VAL A 488 -84.26 14.63 47.93
N LYS A 489 -85.12 14.44 48.96
CA LYS A 489 -86.55 14.38 48.66
C LYS A 489 -87.25 15.76 48.49
N ASN A 490 -86.68 16.86 48.99
CA ASN A 490 -87.33 18.13 48.69
C ASN A 490 -86.81 18.76 47.41
N ASP A 491 -85.72 18.21 46.88
CA ASP A 491 -85.23 18.70 45.60
C ASP A 491 -86.15 18.13 44.52
N ASP A 492 -86.98 18.98 43.95
CA ASP A 492 -88.03 18.56 43.03
C ASP A 492 -87.47 17.93 41.76
N ASP A 493 -86.43 18.54 41.21
CA ASP A 493 -85.79 18.08 39.99
C ASP A 493 -85.29 16.64 40.08
N ILE A 494 -84.64 16.32 41.20
CA ILE A 494 -84.09 14.99 41.41
C ILE A 494 -85.16 13.91 41.39
N ILE A 495 -86.12 14.00 42.31
CA ILE A 495 -87.16 12.98 42.43
C ILE A 495 -88.05 12.95 41.18
N ASN A 496 -88.17 14.08 40.50
CA ASN A 496 -88.90 14.12 39.23
C ASN A 496 -88.16 13.31 38.18
N GLY A 497 -86.84 13.47 38.15
CA GLY A 497 -85.99 12.72 37.25
C GLY A 497 -86.06 11.23 37.52
N VAL A 498 -86.09 10.87 38.80
CA VAL A 498 -86.23 9.48 39.21
C VAL A 498 -87.59 8.92 38.79
N ARG A 499 -88.63 9.75 38.90
CA ARG A 499 -89.96 9.30 38.48
C ARG A 499 -90.01 9.07 36.97
N LYS A 500 -89.37 9.94 36.20
CA LYS A 500 -89.40 9.77 34.76
C LYS A 500 -88.54 8.58 34.34
N MET A 501 -87.44 8.35 35.07
CA MET A 501 -86.62 7.17 34.84
C MET A 501 -87.42 5.89 35.12
N ALA A 502 -88.21 5.93 36.19
CA ALA A 502 -89.06 4.81 36.56
C ALA A 502 -90.10 4.53 35.49
N ASP A 503 -90.71 5.59 34.96
CA ASP A 503 -91.72 5.46 33.92
C ASP A 503 -91.13 4.87 32.65
N VAL A 504 -90.03 5.48 32.21
CA VAL A 504 -89.29 5.01 31.03
C VAL A 504 -88.94 3.55 31.14
N THR A 505 -88.32 3.16 32.25
CA THR A 505 -87.93 1.78 32.47
C THR A 505 -89.13 0.84 32.46
N PHE A 506 -90.24 1.27 33.03
CA PHE A 506 -91.44 0.42 33.08
C PHE A 506 -92.02 0.13 31.69
N GLU A 507 -92.17 1.18 30.88
CA GLU A 507 -92.79 1.00 29.58
C GLU A 507 -91.83 0.34 28.61
N ARG A 508 -90.53 0.55 28.78
CA ARG A 508 -89.61 -0.22 27.95
C ARG A 508 -89.57 -1.68 28.34
N LEU A 509 -89.64 -1.97 29.64
CA LEU A 509 -89.43 -3.33 30.07
C LEU A 509 -90.61 -4.30 30.01
N GLN A 510 -91.85 -3.83 30.14
CA GLN A 510 -92.86 -4.88 30.08
C GLN A 510 -93.53 -4.98 28.71
N ARG A 511 -92.97 -4.27 27.72
CA ARG A 511 -93.19 -4.67 26.34
C ARG A 511 -92.48 -6.02 26.22
N SER A 512 -91.45 -6.21 27.05
CA SER A 512 -90.70 -7.46 27.05
C SER A 512 -91.16 -8.45 28.14
N GLY A 513 -91.91 -7.97 29.13
CA GLY A 513 -92.47 -8.88 30.12
C GLY A 513 -91.58 -9.00 31.34
N ASP A 546 -82.59 -6.90 31.66
CA ASP A 546 -82.73 -6.82 33.10
C ASP A 546 -81.99 -5.64 33.70
N ALA A 547 -81.10 -5.04 32.92
CA ALA A 547 -80.48 -3.80 33.35
C ALA A 547 -81.60 -2.80 33.52
N SER A 548 -82.54 -2.85 32.58
CA SER A 548 -83.76 -2.05 32.66
C SER A 548 -84.49 -2.41 33.94
N LEU A 549 -84.58 -3.72 34.20
CA LEU A 549 -85.21 -4.23 35.42
C LEU A 549 -84.50 -3.77 36.69
N GLU A 550 -83.17 -3.90 36.74
CA GLU A 550 -82.44 -3.40 37.91
C GLU A 550 -82.74 -1.93 38.15
N LEU A 551 -82.56 -1.10 37.13
CA LEU A 551 -82.88 0.33 37.26
C LEU A 551 -84.31 0.57 37.75
N TYR A 552 -85.27 -0.19 37.23
CA TYR A 552 -86.65 -0.03 37.70
C TYR A 552 -86.74 -0.35 39.19
N ASN A 553 -86.11 -1.45 39.59
CA ASN A 553 -86.10 -1.88 40.98
C ASN A 553 -85.53 -0.79 41.88
N ILE A 554 -84.43 -0.18 41.44
CA ILE A 554 -83.82 0.90 42.20
C ILE A 554 -84.71 2.13 42.29
N THR A 555 -85.36 2.49 41.18
CA THR A 555 -86.30 3.62 41.20
C THR A 555 -87.42 3.38 42.19
N GLN A 556 -87.93 2.15 42.22
CA GLN A 556 -89.01 1.78 43.14
C GLN A 556 -88.52 1.78 44.59
N GLN A 557 -87.30 1.31 44.80
CA GLN A 557 -86.67 1.33 46.11
C GLN A 557 -86.57 2.75 46.63
N ILE A 558 -86.24 3.66 45.74
CA ILE A 558 -86.13 5.09 46.06
C ILE A 558 -87.48 5.75 46.36
N LEU A 559 -88.46 5.49 45.51
CA LEU A 559 -89.77 6.14 45.61
C LEU A 559 -90.59 5.72 46.83
N GLN A 560 -90.11 4.71 47.55
CA GLN A 560 -90.78 4.25 48.76
C GLN A 560 -90.58 5.19 49.94
N PHE A 561 -89.62 6.11 49.83
CA PHE A 561 -89.41 7.10 50.88
C PHE A 561 -90.48 8.19 50.83
N ARG B 99 -64.33 3.23 33.26
CA ARG B 99 -63.28 2.35 32.77
C ARG B 99 -61.90 2.74 33.23
N GLN B 100 -61.00 1.77 33.20
CA GLN B 100 -59.60 2.04 33.49
C GLN B 100 -58.81 2.32 32.22
N PRO B 101 -57.95 3.36 32.27
CA PRO B 101 -57.17 3.78 31.11
C PRO B 101 -55.87 3.00 30.98
N TYR B 102 -55.42 2.82 29.74
CA TYR B 102 -54.19 2.08 29.48
C TYR B 102 -53.24 2.89 28.60
N HIS B 103 -52.46 3.78 29.21
CA HIS B 103 -51.51 4.59 28.45
C HIS B 103 -50.09 4.08 28.60
N TYR B 104 -49.37 4.03 27.48
CA TYR B 104 -47.96 3.64 27.45
C TYR B 104 -47.68 2.33 28.18
N SER B 105 -48.58 1.37 28.08
CA SER B 105 -48.50 0.16 28.88
C SER B 105 -47.63 -0.92 28.24
N GLN B 106 -47.63 -0.99 26.92
CA GLN B 106 -46.98 -2.08 26.19
C GLN B 106 -45.46 -1.98 26.19
N PRO B 107 -44.78 -3.14 26.19
CA PRO B 107 -43.31 -3.21 26.11
C PRO B 107 -42.77 -2.55 24.85
N THR B 108 -41.59 -1.96 24.95
CA THR B 108 -41.03 -1.12 23.90
C THR B 108 -39.92 -1.76 23.09
N THR B 109 -39.98 -1.60 21.78
CA THR B 109 -38.88 -1.99 20.90
C THR B 109 -37.97 -0.79 20.66
N ALA B 110 -36.71 -0.92 21.06
CA ALA B 110 -35.74 0.16 20.93
C ALA B 110 -35.46 0.47 19.47
N PRO B 111 -35.46 1.75 19.10
CA PRO B 111 -35.31 2.19 17.71
C PRO B 111 -33.88 2.16 17.19
N PHE B 112 -32.90 2.14 18.09
CA PHE B 112 -31.50 2.13 17.68
C PHE B 112 -31.11 0.87 16.92
N GLN B 113 -30.46 1.07 15.77
CA GLN B 113 -29.88 -0.03 15.02
C GLN B 113 -28.38 0.21 14.82
N ALA B 114 -27.60 -0.86 14.94
CA ALA B 114 -26.15 -0.76 14.77
C ALA B 114 -25.79 -0.55 13.30
N GLN B 115 -24.55 -0.12 13.07
CA GLN B 115 -24.04 0.09 11.73
C GLN B 115 -22.60 -0.33 11.70
N ALA B 116 -22.19 -0.95 10.61
CA ALA B 116 -20.89 -1.59 10.61
C ALA B 116 -19.79 -0.58 10.38
N LYS B 117 -18.59 -0.96 10.81
CA LYS B 117 -17.37 -0.21 10.54
C LYS B 117 -16.44 -1.23 9.93
N PHE B 118 -15.68 -0.82 8.91
CA PHE B 118 -14.74 -1.71 8.25
C PHE B 118 -13.30 -1.22 8.40
N HIS B 119 -12.36 -2.02 7.90
CA HIS B 119 -10.95 -1.66 7.97
C HIS B 119 -10.61 -0.99 9.30
N PRO C 33 -8.97 -3.58 -23.64
CA PRO C 33 -8.74 -2.90 -22.35
C PRO C 33 -8.15 -1.50 -22.31
N LEU C 34 -7.36 -1.10 -23.31
CA LEU C 34 -6.72 0.21 -23.29
C LEU C 34 -7.77 1.33 -23.22
N LYS C 35 -8.94 1.10 -23.80
CA LYS C 35 -10.04 2.05 -23.71
C LYS C 35 -10.51 2.29 -22.26
N ALA C 36 -10.60 1.23 -21.46
CA ALA C 36 -10.95 1.35 -20.07
C ALA C 36 -9.83 1.91 -19.21
N LEU C 37 -8.59 1.50 -19.47
CA LEU C 37 -7.44 2.02 -18.74
C LEU C 37 -7.27 3.53 -18.97
N THR C 38 -7.46 3.97 -20.21
CA THR C 38 -7.34 5.37 -20.58
C THR C 38 -8.41 6.26 -19.95
N THR C 39 -9.65 5.76 -19.93
CA THR C 39 -10.80 6.50 -19.40
C THR C 39 -10.74 6.52 -17.88
N LEU C 40 -10.22 5.45 -17.30
CA LEU C 40 -9.99 5.36 -15.86
C LEU C 40 -8.92 6.33 -15.38
N VAL C 41 -7.90 6.57 -16.21
CA VAL C 41 -6.83 7.50 -15.86
C VAL C 41 -7.31 8.96 -15.84
N TYR C 42 -8.02 9.38 -16.88
CA TYR C 42 -8.35 10.80 -17.01
C TYR C 42 -9.34 11.36 -15.97
N SER C 43 -9.73 10.55 -14.99
CA SER C 43 -10.76 10.92 -14.02
C SER C 43 -10.48 12.15 -13.15
N ASP C 44 -9.23 12.33 -12.73
CA ASP C 44 -8.76 13.42 -11.84
C ASP C 44 -9.06 13.07 -10.38
N ASN C 45 -9.58 11.88 -10.13
CA ASN C 45 -9.77 11.42 -8.75
C ASN C 45 -8.64 10.45 -8.38
N LEU C 46 -8.15 10.60 -7.16
CA LEU C 46 -6.97 9.88 -6.72
C LEU C 46 -7.13 8.34 -6.78
N ASN C 47 -8.31 7.83 -6.42
CA ASN C 47 -8.49 6.38 -6.26
C ASN C 47 -8.47 5.53 -7.53
N LEU C 48 -9.17 6.01 -8.56
CA LEU C 48 -9.19 5.36 -9.85
C LEU C 48 -7.80 5.43 -10.37
N GLN C 49 -7.14 6.48 -9.94
CA GLN C 49 -5.82 6.70 -10.45
C GLN C 49 -4.79 5.72 -9.83
N ARG C 50 -4.89 5.44 -8.54
CA ARG C 50 -3.90 4.53 -7.99
C ARG C 50 -4.22 3.14 -8.51
N SER C 51 -5.50 2.89 -8.75
CA SER C 51 -5.91 1.65 -9.41
C SER C 51 -5.24 1.49 -10.78
N ALA C 52 -5.37 2.52 -11.62
CA ALA C 52 -4.78 2.50 -12.96
C ALA C 52 -3.28 2.27 -12.89
N ALA C 53 -2.62 3.00 -12.00
CA ALA C 53 -1.18 2.91 -11.85
C ALA C 53 -0.74 1.51 -11.46
N LEU C 54 -1.45 0.87 -10.54
CA LEU C 54 -1.10 -0.51 -10.15
C LEU C 54 -1.25 -1.48 -11.33
N ALA C 55 -2.40 -1.39 -12.00
CA ALA C 55 -2.65 -2.21 -13.18
C ALA C 55 -1.50 -2.10 -14.19
N PHE C 56 -1.19 -0.86 -14.53
CA PHE C 56 -0.11 -0.53 -15.45
C PHE C 56 1.20 -1.16 -14.99
N ALA C 57 1.48 -1.05 -13.69
CA ALA C 57 2.70 -1.59 -13.10
C ALA C 57 2.84 -3.08 -13.38
N GLU C 58 1.76 -3.84 -13.16
CA GLU C 58 1.87 -5.29 -13.35
C GLU C 58 1.96 -5.69 -14.83
N ILE C 59 1.09 -5.09 -15.64
CA ILE C 59 1.01 -5.47 -17.04
C ILE C 59 2.27 -5.07 -17.79
N THR C 60 2.94 -4.02 -17.33
CA THR C 60 4.24 -3.70 -17.89
C THR C 60 5.31 -4.60 -17.28
N GLU C 61 5.09 -5.04 -16.05
CA GLU C 61 6.13 -5.80 -15.36
C GLU C 61 6.35 -7.20 -15.97
N LYS C 62 5.31 -7.90 -16.47
CA LYS C 62 5.65 -9.20 -17.12
C LYS C 62 5.49 -9.38 -18.64
N TYR C 63 5.04 -8.39 -19.40
CA TYR C 63 5.13 -8.52 -20.85
C TYR C 63 5.48 -7.20 -21.51
N VAL C 64 6.58 -7.22 -22.26
CA VAL C 64 7.16 -6.01 -22.82
C VAL C 64 7.16 -6.07 -24.34
N ARG C 65 6.29 -5.28 -24.97
CA ARG C 65 6.41 -5.11 -26.41
C ARG C 65 6.45 -3.68 -26.90
N GLN C 66 6.58 -3.57 -28.21
CA GLN C 66 6.34 -2.35 -28.94
C GLN C 66 4.95 -1.79 -28.64
N VAL C 67 4.83 -0.57 -28.12
CA VAL C 67 3.49 -0.03 -27.95
C VAL C 67 3.37 1.44 -28.41
N SER C 68 2.12 1.83 -28.71
CA SER C 68 1.78 3.08 -29.39
C SER C 68 2.02 4.35 -28.58
N ARG C 69 1.86 5.50 -29.24
CA ARG C 69 1.92 6.79 -28.56
C ARG C 69 0.76 6.96 -27.57
N GLU C 70 -0.41 6.46 -27.93
CA GLU C 70 -1.61 6.66 -27.12
C GLU C 70 -1.45 6.06 -25.72
N VAL C 71 -0.84 4.88 -25.64
CA VAL C 71 -0.60 4.24 -24.35
C VAL C 71 0.35 5.10 -23.51
N LEU C 72 1.34 5.68 -24.17
CA LEU C 72 2.35 6.51 -23.51
C LEU C 72 1.76 7.76 -22.86
N GLU C 73 0.78 8.37 -23.51
CA GLU C 73 0.23 9.66 -23.09
C GLU C 73 -0.39 9.62 -21.68
N PRO C 74 -1.10 8.54 -21.37
CA PRO C 74 -1.72 8.40 -20.05
C PRO C 74 -0.66 8.39 -18.95
N ILE C 75 0.44 7.68 -19.22
CA ILE C 75 1.59 7.64 -18.32
C ILE C 75 2.08 9.04 -17.97
N LEU C 76 2.11 9.92 -18.96
CA LEU C 76 2.53 11.30 -18.72
C LEU C 76 1.58 11.99 -17.75
N ILE C 77 0.28 11.78 -17.94
CA ILE C 77 -0.73 12.28 -17.00
C ILE C 77 -0.53 11.62 -15.66
N LEU C 78 -0.24 10.33 -15.68
CA LEU C 78 0.00 9.57 -14.46
C LEU C 78 1.23 10.09 -13.73
N LEU C 79 2.26 10.45 -14.51
CA LEU C 79 3.56 10.78 -13.94
C LEU C 79 3.50 11.90 -12.91
N GLN C 80 2.71 12.95 -13.17
CA GLN C 80 2.62 14.03 -12.22
C GLN C 80 1.39 13.95 -11.32
N SER C 81 1.64 13.50 -10.10
CA SER C 81 0.68 13.39 -9.03
C SER C 81 1.60 13.61 -7.85
N GLN C 82 1.11 13.89 -6.66
CA GLN C 82 2.08 13.95 -5.57
C GLN C 82 1.70 13.01 -4.46
N ASP C 83 0.78 12.09 -4.78
CA ASP C 83 0.65 10.85 -4.05
C ASP C 83 1.81 9.98 -4.54
N PRO C 84 2.71 9.56 -3.64
CA PRO C 84 3.92 8.86 -4.10
C PRO C 84 3.64 7.48 -4.70
N GLN C 85 2.64 6.81 -4.15
CA GLN C 85 2.18 5.49 -4.62
C GLN C 85 2.01 5.49 -6.12
N ILE C 86 1.37 6.54 -6.57
CA ILE C 86 1.05 6.73 -7.97
C ILE C 86 2.26 6.74 -8.87
N GLN C 87 3.40 7.37 -8.43
CA GLN C 87 4.62 7.32 -9.22
C GLN C 87 5.50 6.13 -8.93
N VAL C 88 5.28 5.46 -7.84
CA VAL C 88 6.08 4.25 -7.71
C VAL C 88 5.51 3.25 -8.71
N ALA C 89 4.18 3.21 -8.82
CA ALA C 89 3.55 2.33 -9.80
C ALA C 89 3.80 2.82 -11.22
N ALA C 90 3.68 4.12 -11.44
CA ALA C 90 3.85 4.72 -12.76
C ALA C 90 5.30 4.65 -13.26
N CYS C 91 6.24 5.00 -12.39
CA CYS C 91 7.68 4.89 -12.66
C CYS C 91 8.19 3.46 -12.73
N ALA C 92 7.58 2.52 -11.98
CA ALA C 92 7.92 1.11 -12.15
C ALA C 92 7.37 0.59 -13.47
N ALA C 93 6.15 0.98 -13.81
CA ALA C 93 5.50 0.55 -15.03
C ALA C 93 6.39 1.06 -16.16
N LEU C 94 6.62 2.36 -16.15
CA LEU C 94 7.40 2.99 -17.20
C LEU C 94 8.82 2.42 -17.27
N GLY C 95 9.42 2.18 -16.11
CA GLY C 95 10.76 1.60 -16.05
C GLY C 95 10.81 0.19 -16.61
N ASN C 96 9.75 -0.59 -16.37
CA ASN C 96 9.62 -1.93 -16.94
C ASN C 96 9.54 -1.88 -18.47
N LEU C 97 8.85 -0.87 -18.99
CA LEU C 97 8.63 -0.70 -20.42
C LEU C 97 9.94 -0.45 -21.17
N ALA C 98 10.94 0.01 -20.43
CA ALA C 98 12.21 0.46 -21.01
C ALA C 98 12.98 -0.63 -21.78
N VAL C 99 12.90 -1.87 -21.33
CA VAL C 99 13.76 -2.92 -21.87
C VAL C 99 13.59 -3.13 -23.38
N ASN C 100 12.35 -3.09 -23.87
CA ASN C 100 12.13 -3.09 -25.30
C ASN C 100 12.77 -1.81 -25.84
N ASN C 101 13.44 -1.93 -26.98
CA ASN C 101 14.19 -0.80 -27.54
C ASN C 101 13.32 0.40 -27.91
N GLU C 102 12.14 0.12 -28.44
CA GLU C 102 11.27 1.14 -29.00
C GLU C 102 10.82 2.18 -27.98
N ASN C 103 10.54 1.73 -26.77
CA ASN C 103 10.01 2.62 -25.73
C ASN C 103 10.99 3.74 -25.38
N LYS C 104 12.27 3.42 -25.28
CA LYS C 104 13.27 4.43 -24.94
C LYS C 104 13.36 5.53 -26.00
N LEU C 105 13.34 5.13 -27.27
CA LEU C 105 13.32 6.09 -28.37
C LEU C 105 12.04 6.91 -28.35
N LEU C 106 10.94 6.22 -28.07
CA LEU C 106 9.62 6.83 -27.98
C LEU C 106 9.52 7.83 -26.84
N ILE C 107 10.23 7.54 -25.75
CA ILE C 107 10.19 8.38 -24.55
C ILE C 107 10.69 9.81 -24.80
N VAL C 108 11.73 9.93 -25.60
CA VAL C 108 12.37 11.22 -25.88
C VAL C 108 11.44 12.21 -26.57
N GLU C 109 10.60 11.70 -27.46
CA GLU C 109 9.76 12.52 -28.33
C GLU C 109 8.77 13.44 -27.61
N MET C 110 8.18 12.96 -26.52
CA MET C 110 7.06 13.67 -25.88
C MET C 110 7.41 15.08 -25.41
N GLY C 111 8.58 15.27 -24.82
CA GLY C 111 9.01 16.60 -24.41
C GLY C 111 8.16 17.10 -23.26
N GLY C 112 7.86 16.18 -22.35
CA GLY C 112 8.40 14.85 -22.49
C GLY C 112 8.31 14.13 -21.15
N LEU C 113 8.97 12.98 -21.07
CA LEU C 113 9.10 12.21 -19.84
C LEU C 113 10.10 12.89 -18.90
N GLU C 114 10.72 13.94 -19.42
CA GLU C 114 11.75 14.75 -18.75
C GLU C 114 11.29 15.49 -17.48
N PRO C 115 10.04 15.96 -17.49
CA PRO C 115 9.49 16.69 -16.34
C PRO C 115 9.43 15.82 -15.09
N LEU C 116 9.14 14.54 -15.27
CA LEU C 116 9.12 13.60 -14.16
C LEU C 116 10.50 13.48 -13.51
N ILE C 117 11.54 13.51 -14.34
CA ILE C 117 12.92 13.39 -13.85
C ILE C 117 13.27 14.54 -12.92
N ASN C 118 12.82 15.74 -13.27
CA ASN C 118 12.99 16.91 -12.42
C ASN C 118 12.27 16.70 -11.09
N GLN C 119 11.16 15.97 -11.18
CA GLN C 119 10.34 15.59 -10.03
C GLN C 119 11.08 14.66 -9.08
N MET C 120 12.10 13.98 -9.61
CA MET C 120 12.85 12.97 -8.87
C MET C 120 13.53 13.60 -7.66
N MET C 121 13.74 14.91 -7.72
CA MET C 121 14.40 15.64 -6.66
C MET C 121 13.66 15.51 -5.32
N GLY C 122 12.34 15.47 -5.36
CA GLY C 122 11.55 15.38 -4.15
C GLY C 122 11.91 14.12 -3.38
N ASP C 123 11.96 14.26 -2.06
CA ASP C 123 12.61 13.27 -1.19
C ASP C 123 12.08 11.83 -1.22
N ASN C 124 10.77 11.63 -1.26
CA ASN C 124 10.26 10.27 -1.23
C ASN C 124 11.28 9.42 -1.96
N VAL C 125 11.85 8.44 -1.26
CA VAL C 125 13.09 7.81 -1.71
C VAL C 125 12.94 6.67 -2.71
N GLU C 126 11.81 5.96 -2.68
CA GLU C 126 11.67 4.82 -3.56
C GLU C 126 11.11 5.19 -4.93
N VAL C 127 10.46 6.35 -5.04
CA VAL C 127 10.09 6.82 -6.36
C VAL C 127 11.25 7.64 -6.91
N GLN C 128 12.11 8.10 -6.01
CA GLN C 128 13.44 8.58 -6.38
C GLN C 128 14.06 7.41 -7.13
N CYS C 129 14.10 6.28 -6.42
CA CYS C 129 14.58 5.04 -7.00
C CYS C 129 14.01 4.72 -8.37
N ASN C 130 12.69 4.58 -8.48
CA ASN C 130 12.12 4.12 -9.75
C ASN C 130 12.27 5.12 -10.90
N ALA C 131 12.23 6.41 -10.60
CA ALA C 131 12.50 7.41 -11.62
C ALA C 131 13.94 7.28 -12.13
N VAL C 132 14.88 7.18 -11.19
CA VAL C 132 16.28 6.96 -11.56
C VAL C 132 16.42 5.67 -12.38
N GLY C 133 15.62 4.67 -12.01
CA GLY C 133 15.55 3.43 -12.75
C GLY C 133 15.20 3.60 -14.21
N CYS C 134 14.09 4.30 -14.47
CA CYS C 134 13.64 4.51 -15.84
C CYS C 134 14.71 5.29 -16.60
N ILE C 135 15.30 6.29 -15.96
CA ILE C 135 16.38 7.04 -16.57
C ILE C 135 17.64 6.21 -16.77
N THR C 136 17.82 5.19 -15.92
CA THR C 136 18.96 4.29 -16.03
C THR C 136 18.66 3.33 -17.18
N ASN C 137 17.41 2.91 -17.27
CA ASN C 137 16.97 2.03 -18.36
C ASN C 137 16.95 2.85 -19.64
N LEU C 138 16.46 4.08 -19.52
CA LEU C 138 16.48 5.06 -20.60
C LEU C 138 17.87 5.65 -20.81
N ALA C 139 18.11 6.19 -21.99
CA ALA C 139 19.39 6.84 -22.30
C ALA C 139 20.46 5.86 -22.77
N THR C 140 20.09 4.59 -22.93
CA THR C 140 21.01 3.61 -23.48
C THR C 140 21.35 4.05 -24.90
N ARG C 141 20.35 4.56 -25.61
CA ARG C 141 20.54 5.15 -26.94
C ARG C 141 21.38 6.43 -26.86
N ASP C 142 22.23 6.64 -27.86
CA ASP C 142 23.16 7.77 -27.85
C ASP C 142 22.51 9.16 -27.88
N ASP C 143 21.50 9.34 -28.72
CA ASP C 143 20.80 10.63 -28.80
C ASP C 143 20.14 10.93 -27.46
N ASN C 144 19.54 9.88 -26.92
CA ASN C 144 18.96 9.88 -25.59
C ASN C 144 20.01 10.43 -24.63
N LYS C 145 21.17 9.81 -24.59
CA LYS C 145 22.20 10.23 -23.66
C LYS C 145 22.64 11.64 -23.96
N HIS C 146 22.78 11.96 -25.24
CA HIS C 146 23.11 13.32 -25.65
C HIS C 146 21.99 14.27 -25.26
N LYS C 147 20.75 13.84 -25.48
CA LYS C 147 19.58 14.64 -25.12
C LYS C 147 19.49 14.85 -23.61
N ILE C 148 19.77 13.79 -22.85
CA ILE C 148 19.75 13.85 -21.40
C ILE C 148 20.83 14.81 -20.91
N ALA C 149 21.99 14.75 -21.55
CA ALA C 149 23.11 15.60 -21.19
C ALA C 149 22.72 17.09 -21.29
N THR C 150 21.89 17.44 -22.26
CA THR C 150 21.21 18.74 -22.27
C THR C 150 20.10 18.79 -21.21
N SER C 151 19.72 20.00 -20.84
CA SER C 151 18.60 20.24 -19.93
C SER C 151 19.02 20.18 -18.47
N GLY C 152 20.29 19.94 -18.22
CA GLY C 152 20.81 19.93 -16.87
C GLY C 152 20.06 18.94 -16.00
N ALA C 153 19.70 17.81 -16.58
CA ALA C 153 18.96 16.78 -15.85
C ALA C 153 19.89 15.98 -14.94
N LEU C 154 21.08 15.70 -15.42
CA LEU C 154 22.01 14.79 -14.74
C LEU C 154 22.75 15.32 -13.50
N ILE C 155 22.64 16.63 -13.26
CA ILE C 155 23.10 17.13 -11.97
C ILE C 155 22.38 16.31 -10.84
N PRO C 156 21.05 16.02 -10.95
CA PRO C 156 20.47 15.09 -9.95
C PRO C 156 21.03 13.64 -9.94
N LEU C 157 21.36 13.12 -11.12
CA LEU C 157 21.79 11.73 -11.22
C LEU C 157 23.06 11.52 -10.42
N THR C 158 23.98 12.49 -10.51
CA THR C 158 25.18 12.49 -9.69
C THR C 158 24.81 12.59 -8.21
N LYS C 159 23.79 13.38 -7.92
CA LYS C 159 23.28 13.56 -6.56
C LYS C 159 22.71 12.28 -5.94
N LEU C 160 22.03 11.50 -6.76
CA LEU C 160 21.23 10.35 -6.32
C LEU C 160 22.00 9.23 -5.61
N ALA C 161 23.22 8.96 -6.06
CA ALA C 161 23.95 7.77 -5.66
C ALA C 161 24.24 7.63 -4.16
N LYS C 162 24.55 8.74 -3.50
CA LYS C 162 24.98 8.68 -2.10
C LYS C 162 23.94 8.08 -1.16
N SER C 163 22.67 8.44 -1.34
CA SER C 163 21.59 7.90 -0.54
C SER C 163 21.89 6.47 -0.14
N LYS C 164 21.60 6.16 1.12
CA LYS C 164 22.06 4.94 1.78
C LYS C 164 21.56 3.65 1.16
N HIS C 165 20.30 3.63 0.74
CA HIS C 165 19.73 2.40 0.20
C HIS C 165 20.50 2.00 -1.06
N ILE C 166 20.80 0.71 -1.17
CA ILE C 166 21.55 0.20 -2.31
C ILE C 166 20.76 0.42 -3.59
N ARG C 167 19.46 0.21 -3.50
CA ARG C 167 18.59 0.33 -4.66
C ARG C 167 18.72 1.58 -5.55
N VAL C 168 18.54 2.74 -4.92
CA VAL C 168 18.63 4.02 -5.62
C VAL C 168 20.05 4.26 -6.12
N GLN C 169 21.04 3.85 -5.33
CA GLN C 169 22.44 4.07 -5.66
C GLN C 169 22.86 3.19 -6.84
N ARG C 170 22.31 1.98 -6.89
CA ARG C 170 22.62 1.09 -8.00
C ARG C 170 22.15 1.71 -9.32
N ASN C 171 20.95 2.27 -9.29
CA ASN C 171 20.40 2.97 -10.45
C ASN C 171 21.19 4.21 -10.83
N ALA C 172 21.59 4.98 -9.82
CA ALA C 172 22.35 6.21 -10.03
C ALA C 172 23.70 5.94 -10.67
N THR C 173 24.35 4.88 -10.21
CA THR C 173 25.67 4.50 -10.71
C THR C 173 25.47 3.83 -12.05
N GLY C 174 24.38 3.08 -12.14
CA GLY C 174 23.94 2.48 -13.39
C GLY C 174 23.66 3.53 -14.45
N ALA C 175 22.92 4.56 -14.06
CA ALA C 175 22.51 5.59 -15.02
C ALA C 175 23.67 6.29 -15.69
N LEU C 176 24.60 6.84 -14.91
CA LEU C 176 25.67 7.55 -15.61
C LEU C 176 26.71 6.54 -16.14
N LEU C 177 26.77 5.34 -15.57
CA LEU C 177 27.58 4.30 -16.21
C LEU C 177 27.13 4.21 -17.66
N ASN C 178 25.81 4.18 -17.86
CA ASN C 178 25.24 4.17 -19.21
C ASN C 178 25.53 5.45 -19.97
N MET C 179 25.65 6.57 -19.26
CA MET C 179 25.98 7.85 -19.90
C MET C 179 27.49 8.06 -20.19
N THR C 180 28.36 7.13 -19.78
CA THR C 180 29.80 7.28 -20.01
C THR C 180 30.26 6.78 -21.35
N HIS C 181 29.25 6.39 -22.15
CA HIS C 181 29.41 5.90 -23.53
C HIS C 181 29.86 6.89 -24.63
N SER C 182 29.27 8.08 -24.67
CA SER C 182 29.70 9.09 -25.66
C SER C 182 30.79 9.98 -25.04
N GLU C 183 31.66 10.57 -25.87
CA GLU C 183 32.74 11.44 -25.36
C GLU C 183 32.28 12.69 -24.64
N GLU C 184 31.35 13.40 -25.25
CA GLU C 184 30.92 14.65 -24.67
C GLU C 184 29.84 14.41 -23.61
N ASN C 185 29.23 13.23 -23.61
CA ASN C 185 28.42 12.81 -22.49
C ASN C 185 29.22 12.68 -21.19
N ARG C 186 30.40 12.08 -21.28
CA ARG C 186 31.29 12.01 -20.11
C ARG C 186 31.87 13.41 -19.88
N LYS C 187 31.92 14.20 -20.95
CA LYS C 187 32.39 15.57 -20.80
C LYS C 187 31.37 16.42 -20.03
N GLU C 188 30.11 16.02 -20.04
CA GLU C 188 29.19 16.59 -19.06
C GLU C 188 28.96 15.65 -17.88
N LEU C 189 29.74 14.58 -17.79
CA LEU C 189 29.83 13.86 -16.52
C LEU C 189 30.75 14.65 -15.61
N VAL C 190 31.82 15.19 -16.18
CA VAL C 190 32.75 15.97 -15.37
C VAL C 190 32.16 17.35 -15.10
N ASN C 191 31.41 17.92 -16.05
CA ASN C 191 30.59 19.06 -15.65
C ASN C 191 29.64 18.53 -14.59
N ALA C 192 29.54 19.23 -13.48
CA ALA C 192 28.66 18.78 -12.40
C ALA C 192 29.09 17.36 -12.12
N GLY C 193 30.40 17.14 -12.18
CA GLY C 193 30.93 15.79 -12.16
C GLY C 193 30.63 15.04 -10.87
N ALA C 194 30.21 13.80 -11.03
CA ALA C 194 30.01 12.90 -9.91
C ALA C 194 31.30 12.15 -9.68
N VAL C 195 32.29 12.39 -10.54
CA VAL C 195 33.53 11.63 -10.45
C VAL C 195 34.05 11.45 -8.99
N PRO C 196 33.94 12.46 -8.10
CA PRO C 196 34.44 12.15 -6.75
C PRO C 196 33.59 11.08 -6.08
N VAL C 197 32.29 11.17 -6.32
CA VAL C 197 31.35 10.19 -5.84
C VAL C 197 31.76 8.82 -6.37
N LEU C 198 32.10 8.75 -7.65
CA LEU C 198 32.54 7.49 -8.24
C LEU C 198 33.78 6.89 -7.56
N VAL C 199 34.88 7.64 -7.51
CA VAL C 199 36.10 7.08 -6.94
C VAL C 199 35.88 6.69 -5.48
N SER C 200 35.03 7.42 -4.77
CA SER C 200 34.77 7.06 -3.38
C SER C 200 33.94 5.77 -3.35
N LEU C 201 33.01 5.64 -4.29
CA LEU C 201 32.15 4.47 -4.38
C LEU C 201 32.88 3.20 -4.85
N LEU C 202 34.10 3.35 -5.37
CA LEU C 202 34.95 2.18 -5.66
C LEU C 202 35.15 1.25 -4.46
N SER C 203 35.05 1.78 -3.25
CA SER C 203 35.33 0.98 -2.06
C SER C 203 34.06 0.39 -1.43
N SER C 204 32.96 0.48 -2.17
CA SER C 204 31.70 -0.16 -1.77
C SER C 204 31.88 -1.68 -1.71
N THR C 205 31.25 -2.32 -0.74
CA THR C 205 31.29 -3.78 -0.70
C THR C 205 30.18 -4.37 -1.58
N ASP C 206 29.11 -3.60 -1.81
CA ASP C 206 28.07 -4.02 -2.74
C ASP C 206 28.71 -4.21 -4.12
N PRO C 207 28.63 -5.43 -4.67
CA PRO C 207 29.30 -5.77 -5.93
C PRO C 207 28.95 -4.91 -7.15
N ASP C 208 27.66 -4.75 -7.43
CA ASP C 208 27.27 -4.10 -8.68
C ASP C 208 27.47 -2.58 -8.71
N VAL C 209 27.29 -1.90 -7.58
CA VAL C 209 27.62 -0.48 -7.54
C VAL C 209 29.11 -0.27 -7.86
N GLN C 210 29.97 -1.09 -7.26
CA GLN C 210 31.40 -0.91 -7.43
C GLN C 210 31.81 -1.30 -8.86
N TYR C 211 31.13 -2.28 -9.44
CA TYR C 211 31.39 -2.64 -10.83
C TYR C 211 30.98 -1.50 -11.77
N TYR C 212 29.79 -0.97 -11.56
CA TYR C 212 29.30 0.17 -12.33
C TYR C 212 30.29 1.33 -12.24
N CYS C 213 30.87 1.52 -11.07
CA CYS C 213 31.82 2.60 -10.85
C CYS C 213 33.17 2.37 -11.54
N THR C 214 33.74 1.18 -11.41
CA THR C 214 34.97 0.83 -12.12
C THR C 214 34.79 0.97 -13.62
N THR C 215 33.67 0.47 -14.13
CA THR C 215 33.40 0.54 -15.55
C THR C 215 33.19 1.99 -15.99
N ALA C 216 32.59 2.79 -15.12
CA ALA C 216 32.38 4.20 -15.41
C ALA C 216 33.71 4.93 -15.55
N LEU C 217 34.55 4.79 -14.54
CA LEU C 217 35.86 5.43 -14.53
C LEU C 217 36.75 4.93 -15.66
N SER C 218 36.70 3.64 -15.93
CA SER C 218 37.42 3.04 -17.05
C SER C 218 37.00 3.72 -18.34
N ASN C 219 35.69 3.90 -18.50
CA ASN C 219 35.15 4.55 -19.69
C ASN C 219 35.52 6.04 -19.76
N ILE C 220 35.73 6.66 -18.60
CA ILE C 220 36.11 8.07 -18.54
C ILE C 220 37.59 8.26 -18.92
N ALA C 221 38.43 7.34 -18.46
CA ALA C 221 39.88 7.46 -18.63
C ALA C 221 40.34 7.31 -20.08
N VAL C 222 39.38 7.23 -21.00
CA VAL C 222 39.68 7.11 -22.43
C VAL C 222 40.15 8.44 -23.01
N ASP C 223 39.75 9.54 -22.37
CA ASP C 223 40.09 10.88 -22.87
C ASP C 223 41.37 11.40 -22.23
N GLU C 224 42.22 11.99 -23.06
CA GLU C 224 43.48 12.59 -22.62
C GLU C 224 43.22 13.65 -21.56
N ALA C 225 42.19 14.45 -21.82
CA ALA C 225 41.79 15.54 -20.93
C ALA C 225 41.42 15.02 -19.55
N ASN C 226 40.51 14.05 -19.53
CA ASN C 226 40.08 13.42 -18.29
C ASN C 226 41.25 12.80 -17.54
N ARG C 227 42.16 12.17 -18.28
CA ARG C 227 43.33 11.55 -17.67
C ARG C 227 44.22 12.58 -17.00
N LYS C 228 44.45 13.70 -17.68
CA LYS C 228 45.26 14.77 -17.10
C LYS C 228 44.60 15.39 -15.87
N LYS C 229 43.28 15.58 -15.91
CA LYS C 229 42.62 16.10 -14.71
C LYS C 229 42.60 15.10 -13.55
N LEU C 230 42.51 13.81 -13.85
CA LEU C 230 42.41 12.80 -12.79
C LEU C 230 43.68 12.66 -11.95
N ALA C 231 44.81 13.10 -12.46
CA ALA C 231 46.05 13.00 -11.70
C ALA C 231 46.01 13.96 -10.51
N GLN C 232 45.59 15.20 -10.75
CA GLN C 232 45.53 16.19 -9.68
C GLN C 232 44.12 16.39 -9.13
N THR C 233 43.16 15.68 -9.71
CA THR C 233 41.79 15.74 -9.21
C THR C 233 41.41 14.37 -8.70
N GLU C 234 40.94 14.35 -7.46
CA GLU C 234 40.68 13.12 -6.76
C GLU C 234 41.86 12.18 -6.87
N PRO C 235 42.98 12.57 -6.25
CA PRO C 235 44.22 11.78 -6.27
C PRO C 235 44.14 10.52 -5.42
N ARG C 236 44.97 9.53 -5.74
CA ARG C 236 44.99 8.27 -5.01
C ARG C 236 43.93 7.30 -5.52
N LEU C 237 43.28 7.66 -6.61
CA LEU C 237 42.27 6.82 -7.22
C LEU C 237 42.84 5.50 -7.72
N VAL C 238 44.05 5.56 -8.29
CA VAL C 238 44.67 4.38 -8.89
C VAL C 238 44.94 3.27 -7.87
N SER C 239 45.40 3.65 -6.68
CA SER C 239 45.65 2.68 -5.63
C SER C 239 44.40 1.84 -5.38
N LYS C 240 43.25 2.50 -5.31
CA LYS C 240 41.98 1.79 -5.23
C LYS C 240 41.80 0.81 -6.39
N LEU C 241 42.14 1.21 -7.62
CA LEU C 241 42.05 0.26 -8.73
C LEU C 241 42.93 -0.97 -8.49
N VAL C 242 44.17 -0.72 -8.09
CA VAL C 242 45.12 -1.80 -7.85
C VAL C 242 44.60 -2.76 -6.77
N SER C 243 43.97 -2.22 -5.74
CA SER C 243 43.34 -3.05 -4.72
C SER C 243 42.22 -3.88 -5.34
N LEU C 244 41.41 -3.24 -6.20
CA LEU C 244 40.30 -3.92 -6.86
C LEU C 244 40.77 -5.01 -7.82
N MET C 245 42.07 -5.01 -8.12
CA MET C 245 42.64 -6.06 -8.97
C MET C 245 42.68 -7.43 -8.29
N ASP C 246 42.20 -7.51 -7.06
CA ASP C 246 42.14 -8.78 -6.34
C ASP C 246 40.73 -9.10 -5.87
N SER C 247 39.73 -8.58 -6.58
CA SER C 247 38.35 -8.82 -6.22
C SER C 247 37.98 -10.29 -6.42
N PRO C 248 37.05 -10.80 -5.61
CA PRO C 248 36.51 -12.15 -5.83
C PRO C 248 35.67 -12.21 -7.11
N SER C 249 35.10 -11.08 -7.51
CA SER C 249 34.31 -11.00 -8.73
C SER C 249 35.22 -10.83 -9.95
N SER C 250 35.08 -11.73 -10.92
CA SER C 250 35.88 -11.67 -12.14
C SER C 250 35.65 -10.36 -12.89
N ARG C 251 34.38 -9.94 -12.96
CA ARG C 251 33.98 -8.73 -13.67
C ARG C 251 34.72 -7.50 -13.16
N VAL C 252 34.77 -7.36 -11.84
CA VAL C 252 35.42 -6.21 -11.20
C VAL C 252 36.93 -6.25 -11.47
N LYS C 253 37.51 -7.43 -11.30
CA LYS C 253 38.91 -7.69 -11.67
C LYS C 253 39.26 -7.17 -13.06
N CYS C 254 38.58 -7.75 -14.06
CA CYS C 254 38.83 -7.42 -15.46
C CYS C 254 38.67 -5.94 -15.72
N GLN C 255 37.51 -5.39 -15.34
CA GLN C 255 37.21 -4.02 -15.71
C GLN C 255 38.13 -3.02 -15.01
N ALA C 256 38.54 -3.35 -13.79
CA ALA C 256 39.50 -2.52 -13.07
C ALA C 256 40.87 -2.56 -13.76
N THR C 257 41.28 -3.74 -14.20
CA THR C 257 42.55 -3.87 -14.91
C THR C 257 42.53 -3.06 -16.21
N LEU C 258 41.40 -3.12 -16.93
CA LEU C 258 41.23 -2.35 -18.14
C LEU C 258 41.24 -0.84 -17.86
N ALA C 259 40.63 -0.45 -16.74
CA ALA C 259 40.67 0.93 -16.29
C ALA C 259 42.12 1.38 -16.12
N LEU C 260 42.88 0.58 -15.37
CA LEU C 260 44.29 0.86 -15.14
C LEU C 260 45.07 0.96 -16.45
N ARG C 261 44.75 0.12 -17.42
CA ARG C 261 45.37 0.23 -18.75
C ARG C 261 45.07 1.59 -19.37
N ASN C 262 43.78 1.93 -19.42
CA ASN C 262 43.34 3.19 -20.01
C ASN C 262 44.03 4.38 -19.37
N LEU C 263 44.25 4.30 -18.06
CA LEU C 263 45.01 5.33 -17.36
C LEU C 263 46.47 5.29 -17.83
N ALA C 264 47.01 4.08 -17.95
CA ALA C 264 48.39 3.90 -18.37
C ALA C 264 48.58 4.23 -19.85
N SER C 265 47.54 4.77 -20.48
CA SER C 265 47.72 5.44 -21.77
C SER C 265 48.69 6.62 -21.67
N ASP C 266 48.76 7.25 -20.50
CA ASP C 266 49.68 8.37 -20.27
C ASP C 266 50.87 7.98 -19.40
N THR C 267 51.96 8.71 -19.55
CA THR C 267 53.22 8.41 -18.86
C THR C 267 53.13 8.55 -17.34
N SER C 268 52.46 9.61 -16.90
CA SER C 268 52.21 9.86 -15.47
C SER C 268 51.76 8.57 -14.80
N TYR C 269 50.65 8.03 -15.29
CA TYR C 269 50.10 6.80 -14.75
C TYR C 269 50.94 5.58 -15.09
N GLN C 270 51.68 5.64 -16.20
CA GLN C 270 52.56 4.54 -16.56
C GLN C 270 53.55 4.29 -15.42
N LEU C 271 53.97 5.38 -14.78
CA LEU C 271 54.85 5.26 -13.62
C LEU C 271 54.05 5.06 -12.33
N GLU C 272 52.92 5.76 -12.23
CA GLU C 272 52.12 5.78 -11.00
C GLU C 272 51.57 4.39 -10.64
N ILE C 273 51.11 3.65 -11.65
CA ILE C 273 50.59 2.30 -11.43
C ILE C 273 51.68 1.38 -10.89
N VAL C 274 52.87 1.52 -11.45
CA VAL C 274 54.05 0.78 -10.99
C VAL C 274 54.40 1.12 -9.55
N ARG C 275 54.33 2.41 -9.21
CA ARG C 275 54.59 2.86 -7.84
C ARG C 275 53.69 2.15 -6.82
N ALA C 276 52.45 1.87 -7.20
CA ALA C 276 51.47 1.27 -6.31
C ALA C 276 51.61 -0.25 -6.19
N GLY C 277 52.70 -0.79 -6.74
CA GLY C 277 52.94 -2.22 -6.68
C GLY C 277 51.84 -3.00 -7.37
N GLY C 278 51.56 -2.63 -8.62
CA GLY C 278 50.55 -3.30 -9.41
C GLY C 278 51.20 -4.41 -10.21
N LEU C 279 52.50 -4.56 -10.02
CA LEU C 279 53.27 -5.55 -10.77
C LEU C 279 52.96 -7.01 -10.43
N PRO C 280 52.94 -7.41 -9.14
CA PRO C 280 52.67 -8.85 -8.96
C PRO C 280 51.27 -9.34 -9.42
N HIS C 281 50.30 -8.43 -9.25
CA HIS C 281 48.92 -8.70 -9.62
C HIS C 281 48.88 -8.96 -11.11
N LEU C 282 49.48 -8.05 -11.87
CA LEU C 282 49.55 -8.20 -13.31
C LEU C 282 50.41 -9.40 -13.72
N VAL C 283 51.45 -9.71 -12.93
CA VAL C 283 52.49 -10.62 -13.43
C VAL C 283 51.91 -12.02 -13.47
N LYS C 284 51.05 -12.31 -12.49
CA LYS C 284 50.27 -13.52 -12.44
C LYS C 284 48.85 -13.46 -13.03
N LEU C 285 48.31 -12.28 -13.34
CA LEU C 285 46.97 -12.30 -13.92
C LEU C 285 47.07 -12.90 -15.33
N ILE C 286 48.30 -12.90 -15.86
CA ILE C 286 48.58 -13.24 -17.24
C ILE C 286 48.49 -14.73 -17.61
N GLN C 287 48.86 -15.61 -16.68
CA GLN C 287 48.69 -17.04 -16.95
C GLN C 287 47.38 -17.56 -16.44
N SER C 288 46.52 -16.64 -16.09
CA SER C 288 45.16 -16.98 -15.72
C SER C 288 44.59 -17.71 -16.92
N ASP C 289 43.74 -18.69 -16.66
CA ASP C 289 43.17 -19.42 -17.78
C ASP C 289 41.82 -18.84 -18.19
N SER C 290 41.45 -17.74 -17.55
CA SER C 290 40.35 -16.93 -18.02
C SER C 290 40.92 -15.93 -19.03
N ILE C 291 40.69 -16.21 -20.31
CA ILE C 291 41.25 -15.42 -21.41
C ILE C 291 40.96 -13.91 -21.36
N PRO C 292 39.74 -13.50 -20.96
CA PRO C 292 39.53 -12.05 -20.88
C PRO C 292 40.47 -11.35 -19.89
N LEU C 293 40.69 -11.98 -18.74
CA LEU C 293 41.64 -11.46 -17.76
C LEU C 293 43.04 -11.38 -18.34
N VAL C 294 43.43 -12.41 -19.10
CA VAL C 294 44.72 -12.43 -19.77
C VAL C 294 44.89 -11.25 -20.73
N LEU C 295 43.87 -11.04 -21.56
CA LEU C 295 43.85 -9.93 -22.51
C LEU C 295 44.01 -8.60 -21.80
N ALA C 296 43.21 -8.40 -20.75
CA ALA C 296 43.25 -7.16 -19.99
C ALA C 296 44.62 -6.92 -19.34
N SER C 297 45.13 -7.95 -18.69
CA SER C 297 46.40 -7.85 -17.97
C SER C 297 47.58 -7.61 -18.90
N VAL C 298 47.63 -8.33 -20.01
CA VAL C 298 48.72 -8.15 -20.96
C VAL C 298 48.64 -6.78 -21.64
N ALA C 299 47.41 -6.31 -21.90
CA ALA C 299 47.23 -4.96 -22.45
C ALA C 299 47.82 -3.92 -21.50
N CYS C 300 47.42 -4.03 -20.23
CA CYS C 300 47.89 -3.12 -19.20
C CYS C 300 49.41 -3.13 -19.06
N ILE C 301 49.99 -4.32 -18.92
CA ILE C 301 51.44 -4.44 -18.75
C ILE C 301 52.19 -3.90 -19.97
N ARG C 302 51.59 -4.02 -21.16
CA ARG C 302 52.19 -3.44 -22.34
C ARG C 302 52.26 -1.92 -22.19
N ASN C 303 51.08 -1.32 -21.94
CA ASN C 303 51.01 0.13 -21.77
C ASN C 303 51.97 0.67 -20.71
N ILE C 304 52.13 -0.02 -19.59
CA ILE C 304 53.06 0.49 -18.58
C ILE C 304 54.51 0.25 -19.05
N SER C 305 54.71 -0.83 -19.82
CA SER C 305 56.07 -1.16 -20.29
C SER C 305 56.55 -0.15 -21.33
N ILE C 306 55.63 0.66 -21.86
CA ILE C 306 56.03 1.79 -22.72
C ILE C 306 57.15 2.63 -22.09
N HIS C 307 57.01 2.97 -20.81
CA HIS C 307 57.99 3.81 -20.13
C HIS C 307 59.29 3.04 -19.85
N PRO C 308 60.43 3.60 -20.28
CA PRO C 308 61.75 2.98 -20.10
C PRO C 308 62.09 2.68 -18.63
N LEU C 309 61.81 3.64 -17.74
CA LEU C 309 62.12 3.50 -16.31
C LEU C 309 61.56 2.22 -15.69
N ASN C 310 60.45 1.76 -16.25
CA ASN C 310 59.77 0.57 -15.73
C ASN C 310 60.45 -0.74 -16.06
N GLU C 311 61.27 -0.73 -17.12
CA GLU C 311 61.77 -1.97 -17.72
C GLU C 311 62.40 -2.84 -16.66
N GLY C 312 63.36 -2.27 -15.95
CA GLY C 312 64.03 -2.96 -14.87
C GLY C 312 63.06 -3.71 -13.98
N LEU C 313 62.07 -2.98 -13.46
CA LEU C 313 61.17 -3.61 -12.51
C LEU C 313 60.45 -4.75 -13.20
N ILE C 314 59.95 -4.47 -14.40
CA ILE C 314 59.15 -5.45 -15.12
C ILE C 314 59.94 -6.73 -15.39
N VAL C 315 61.25 -6.60 -15.63
CA VAL C 315 62.01 -7.81 -15.94
C VAL C 315 62.32 -8.62 -14.68
N ASP C 316 62.60 -7.92 -13.58
CA ASP C 316 62.96 -8.54 -12.32
C ASP C 316 61.81 -9.38 -11.80
N ALA C 317 60.60 -8.83 -11.95
CA ALA C 317 59.39 -9.58 -11.71
C ALA C 317 59.41 -10.61 -12.82
N GLY C 318 58.84 -11.79 -12.57
CA GLY C 318 58.95 -12.85 -13.53
C GLY C 318 57.91 -12.66 -14.62
N PHE C 319 58.15 -11.67 -15.47
CA PHE C 319 57.26 -11.41 -16.60
C PHE C 319 57.65 -12.10 -17.88
N LEU C 320 58.96 -12.25 -18.07
CA LEU C 320 59.49 -12.65 -19.36
C LEU C 320 58.94 -13.97 -19.92
N LYS C 321 59.17 -15.11 -19.28
CA LYS C 321 58.72 -16.39 -19.83
C LYS C 321 57.19 -16.51 -20.02
N PRO C 322 56.40 -15.95 -19.07
CA PRO C 322 54.94 -15.89 -19.26
C PRO C 322 54.56 -15.17 -20.55
N LEU C 323 55.17 -14.01 -20.77
CA LEU C 323 54.96 -13.25 -22.01
C LEU C 323 55.38 -14.07 -23.20
N VAL C 324 56.52 -14.74 -23.07
CA VAL C 324 57.11 -15.49 -24.16
C VAL C 324 56.20 -16.58 -24.69
N ARG C 325 55.83 -17.53 -23.82
CA ARG C 325 54.90 -18.62 -24.13
C ARG C 325 53.47 -18.16 -24.44
N LEU C 326 53.05 -17.06 -23.81
CA LEU C 326 51.69 -16.56 -23.99
C LEU C 326 51.40 -16.19 -25.45
N LEU C 327 52.40 -15.64 -26.13
CA LEU C 327 52.29 -15.20 -27.51
C LEU C 327 52.10 -16.27 -28.59
N ASP C 328 52.36 -17.51 -28.22
CA ASP C 328 52.47 -18.62 -29.16
C ASP C 328 51.08 -19.12 -29.60
N TYR C 329 50.11 -19.12 -28.69
CA TYR C 329 48.80 -19.72 -28.98
C TYR C 329 48.12 -19.04 -30.17
N LYS C 330 47.48 -19.85 -31.01
CA LYS C 330 46.95 -19.39 -32.30
C LYS C 330 45.68 -18.54 -32.23
N ASP C 331 44.78 -18.91 -31.33
CA ASP C 331 43.40 -18.43 -31.36
C ASP C 331 43.22 -16.92 -31.22
N SER C 332 43.98 -16.28 -30.34
CA SER C 332 43.79 -14.85 -30.08
C SER C 332 45.03 -14.04 -30.45
N GLU C 333 45.00 -13.43 -31.62
CA GLU C 333 46.14 -12.65 -32.10
C GLU C 333 46.36 -11.40 -31.25
N GLU C 334 45.30 -10.86 -30.64
CA GLU C 334 45.46 -9.64 -29.84
C GLU C 334 46.43 -9.84 -28.67
N ILE C 335 46.27 -10.96 -27.95
CA ILE C 335 47.26 -11.31 -26.93
C ILE C 335 48.66 -11.45 -27.53
N GLN C 336 48.76 -12.07 -28.70
CA GLN C 336 50.05 -12.22 -29.37
C GLN C 336 50.71 -10.85 -29.59
N CYS C 337 49.93 -9.91 -30.12
CA CYS C 337 50.43 -8.55 -30.36
C CYS C 337 50.82 -7.83 -29.08
N HIS C 338 49.99 -7.93 -28.05
CA HIS C 338 50.28 -7.28 -26.77
C HIS C 338 51.57 -7.82 -26.16
N ALA C 339 51.74 -9.14 -26.23
CA ALA C 339 52.91 -9.81 -25.71
C ALA C 339 54.18 -9.42 -26.48
N VAL C 340 54.14 -9.57 -27.81
CA VAL C 340 55.30 -9.20 -28.63
C VAL C 340 55.66 -7.75 -28.42
N SER C 341 54.65 -6.88 -28.39
CA SER C 341 54.88 -5.46 -28.18
C SER C 341 55.56 -5.22 -26.84
N THR C 342 55.07 -5.88 -25.80
CA THR C 342 55.65 -5.76 -24.46
C THR C 342 57.12 -6.15 -24.49
N LEU C 343 57.39 -7.28 -25.13
CA LEU C 343 58.76 -7.75 -25.32
C LEU C 343 59.61 -6.71 -26.06
N ARG C 344 59.03 -6.09 -27.09
CA ARG C 344 59.74 -5.12 -27.90
C ARG C 344 60.09 -3.85 -27.13
N ASN C 345 59.17 -3.35 -26.30
CA ASN C 345 59.45 -2.13 -25.55
C ASN C 345 60.41 -2.41 -24.40
N LEU C 346 60.30 -3.61 -23.82
CA LEU C 346 61.30 -4.04 -22.86
C LEU C 346 62.69 -4.09 -23.48
N ALA C 347 62.77 -4.61 -24.69
CA ALA C 347 64.05 -4.72 -25.40
C ALA C 347 64.56 -3.35 -25.84
N ALA C 348 63.64 -2.47 -26.20
CA ALA C 348 63.95 -1.16 -26.76
C ALA C 348 64.39 -0.17 -25.71
N SER C 349 63.91 -0.35 -24.49
CA SER C 349 64.23 0.62 -23.45
C SER C 349 65.68 0.51 -22.98
N SER C 350 66.16 -0.71 -22.74
CA SER C 350 67.49 -0.84 -22.18
C SER C 350 68.30 -2.06 -22.62
N GLU C 351 69.61 -1.87 -22.78
CA GLU C 351 70.53 -2.97 -23.07
C GLU C 351 70.93 -3.66 -21.77
N LYS C 352 70.44 -3.14 -20.65
CA LYS C 352 70.33 -3.95 -19.43
C LYS C 352 69.64 -5.25 -19.82
N ASN C 353 69.79 -6.28 -19.01
CA ASN C 353 68.82 -7.36 -18.99
C ASN C 353 68.68 -8.10 -20.32
N ARG C 354 69.74 -8.11 -21.14
CA ARG C 354 69.56 -8.60 -22.52
C ARG C 354 69.75 -10.11 -22.66
N LYS C 355 70.63 -10.72 -21.88
CA LYS C 355 70.79 -12.17 -21.96
C LYS C 355 69.82 -12.72 -20.94
N GLU C 356 69.33 -11.79 -20.13
CA GLU C 356 68.14 -12.02 -19.33
C GLU C 356 66.92 -12.02 -20.26
N PHE C 357 67.05 -11.35 -21.40
CA PHE C 357 66.04 -11.38 -22.46
C PHE C 357 66.14 -12.63 -23.36
N PHE C 358 67.38 -13.08 -23.55
CA PHE C 358 67.74 -14.23 -24.40
C PHE C 358 67.25 -15.59 -23.93
N GLU C 359 67.25 -15.81 -22.62
CA GLU C 359 67.17 -17.15 -22.04
C GLU C 359 65.88 -17.89 -22.41
N SER C 360 64.79 -17.14 -22.54
CA SER C 360 63.47 -17.69 -22.74
C SER C 360 63.35 -18.49 -24.03
N GLY C 361 64.03 -18.04 -25.08
CA GLY C 361 63.89 -18.67 -26.38
C GLY C 361 62.71 -18.07 -27.13
N ALA C 362 62.17 -16.99 -26.58
CA ALA C 362 61.09 -16.26 -27.22
C ALA C 362 61.59 -15.75 -28.56
N VAL C 363 62.85 -15.33 -28.58
CA VAL C 363 63.48 -14.88 -29.82
C VAL C 363 63.50 -16.06 -30.79
N GLU C 364 63.79 -17.25 -30.28
CA GLU C 364 63.65 -18.46 -31.08
C GLU C 364 62.21 -18.73 -31.46
N LYS C 365 61.33 -18.31 -30.56
CA LYS C 365 59.91 -18.48 -30.76
C LYS C 365 59.30 -17.38 -31.60
N CYS C 366 59.85 -16.18 -31.49
CA CYS C 366 59.46 -15.11 -32.40
C CYS C 366 59.92 -15.50 -33.79
N LYS C 367 61.07 -16.16 -33.87
CA LYS C 367 61.59 -16.65 -35.13
C LYS C 367 60.65 -17.68 -35.75
N GLU C 368 60.29 -18.70 -34.96
CA GLU C 368 59.37 -19.73 -35.42
C GLU C 368 57.98 -19.16 -35.80
N LEU C 369 57.54 -18.15 -35.06
CA LEU C 369 56.20 -17.58 -35.19
C LEU C 369 56.09 -16.56 -36.33
N ALA C 370 57.19 -15.92 -36.67
CA ALA C 370 57.19 -14.86 -37.68
C ALA C 370 56.90 -15.41 -39.06
N LEU C 371 57.18 -16.70 -39.23
CA LEU C 371 57.06 -17.35 -40.52
C LEU C 371 55.64 -17.91 -40.71
N ASP C 372 54.91 -18.03 -39.60
CA ASP C 372 53.58 -18.62 -39.62
C ASP C 372 52.65 -17.98 -38.57
N SER C 373 52.16 -16.78 -38.87
CA SER C 373 51.25 -16.06 -37.98
C SER C 373 50.60 -14.91 -38.75
N PRO C 374 49.52 -14.32 -38.18
CA PRO C 374 48.89 -13.17 -38.84
C PRO C 374 49.87 -12.03 -39.15
N VAL C 375 49.49 -11.17 -40.10
CA VAL C 375 50.33 -10.06 -40.52
C VAL C 375 50.53 -9.05 -39.38
N SER C 376 49.59 -9.04 -38.44
CA SER C 376 49.71 -8.24 -37.23
C SER C 376 50.93 -8.71 -36.42
N VAL C 377 50.84 -9.96 -35.99
CA VAL C 377 51.88 -10.62 -35.22
C VAL C 377 53.21 -10.52 -35.97
N GLN C 378 53.15 -10.70 -37.28
CA GLN C 378 54.32 -10.56 -38.14
C GLN C 378 54.97 -9.18 -38.02
N SER C 379 54.21 -8.12 -38.22
CA SER C 379 54.78 -6.76 -38.17
C SER C 379 55.32 -6.43 -36.78
N GLU C 380 54.66 -6.96 -35.75
CA GLU C 380 55.12 -6.75 -34.39
C GLU C 380 56.49 -7.41 -34.17
N ILE C 381 56.55 -8.70 -34.51
CA ILE C 381 57.80 -9.45 -34.44
C ILE C 381 58.90 -8.74 -35.24
N SER C 382 58.52 -8.24 -36.41
CA SER C 382 59.40 -7.51 -37.30
C SER C 382 60.05 -6.31 -36.62
N ALA C 383 59.21 -5.44 -36.07
CA ALA C 383 59.70 -4.27 -35.36
C ALA C 383 60.59 -4.69 -34.19
N CYS C 384 60.25 -5.82 -33.57
CA CYS C 384 61.03 -6.33 -32.45
C CYS C 384 62.44 -6.73 -32.89
N PHE C 385 62.55 -7.46 -34.00
CA PHE C 385 63.85 -7.83 -34.55
C PHE C 385 64.67 -6.60 -34.92
N ALA C 386 64.03 -5.65 -35.60
CA ALA C 386 64.69 -4.39 -35.94
C ALA C 386 65.23 -3.69 -34.69
N ILE C 387 64.52 -3.80 -33.58
CA ILE C 387 64.96 -3.20 -32.33
C ILE C 387 66.14 -3.95 -31.71
N LEU C 388 66.04 -5.26 -31.63
CA LEU C 388 67.11 -6.08 -31.06
C LEU C 388 68.41 -5.95 -31.83
N ALA C 389 68.30 -5.78 -33.14
CA ALA C 389 69.48 -5.81 -34.01
C ALA C 389 70.27 -4.50 -34.00
N LEU C 390 69.90 -3.56 -33.12
CA LEU C 390 70.62 -2.30 -33.02
C LEU C 390 71.81 -2.42 -32.08
N ALA C 391 71.59 -3.07 -30.94
CA ALA C 391 72.65 -3.23 -29.96
C ALA C 391 73.73 -4.14 -30.53
N ASP C 392 74.97 -3.68 -30.47
CA ASP C 392 76.09 -4.42 -31.06
C ASP C 392 76.40 -5.63 -30.19
N VAL C 393 76.01 -5.53 -28.92
CA VAL C 393 76.25 -6.58 -27.94
C VAL C 393 75.54 -7.89 -28.31
N SER C 394 74.45 -7.78 -29.08
CA SER C 394 73.60 -8.93 -29.32
C SER C 394 73.55 -9.36 -30.79
N LYS C 395 74.23 -8.61 -31.67
CA LYS C 395 74.23 -8.94 -33.09
C LYS C 395 74.71 -10.38 -33.34
N LEU C 396 75.86 -10.73 -32.75
CA LEU C 396 76.41 -12.07 -32.91
C LEU C 396 75.45 -13.15 -32.44
N ASP C 397 74.86 -12.94 -31.26
CA ASP C 397 73.96 -13.92 -30.68
C ASP C 397 72.72 -14.11 -31.54
N LEU C 398 72.16 -13.00 -32.00
CA LEU C 398 71.03 -13.04 -32.93
C LEU C 398 71.41 -13.82 -34.18
N LEU C 399 72.62 -13.59 -34.68
CA LEU C 399 73.08 -14.26 -35.89
C LEU C 399 73.22 -15.77 -35.68
N GLU C 400 73.65 -16.17 -34.48
CA GLU C 400 73.84 -17.60 -34.23
C GLU C 400 72.57 -18.21 -33.66
N ALA C 401 71.51 -17.41 -33.60
CA ALA C 401 70.17 -17.96 -33.42
C ALA C 401 69.49 -18.17 -34.76
N ASN C 402 70.29 -18.10 -35.83
CA ASN C 402 69.81 -18.22 -37.20
C ASN C 402 68.59 -17.34 -37.47
N ILE C 403 68.69 -16.08 -37.07
CA ILE C 403 67.58 -15.14 -37.20
C ILE C 403 67.39 -14.77 -38.67
N LEU C 404 68.47 -14.90 -39.45
CA LEU C 404 68.43 -14.63 -40.90
C LEU C 404 67.47 -15.58 -41.62
N ASP C 405 67.18 -16.73 -40.99
CA ASP C 405 66.27 -17.69 -41.57
C ASP C 405 64.83 -17.20 -41.51
N ALA C 406 64.60 -16.16 -40.71
CA ALA C 406 63.30 -15.52 -40.65
C ALA C 406 63.36 -14.12 -41.27
N LEU C 407 64.45 -13.40 -41.01
CA LEU C 407 64.61 -12.05 -41.55
C LEU C 407 64.58 -12.01 -43.08
N ILE C 408 65.28 -12.93 -43.74
CA ILE C 408 65.36 -12.92 -45.20
C ILE C 408 63.97 -13.08 -45.85
N PRO C 409 63.23 -14.15 -45.53
CA PRO C 409 61.94 -14.28 -46.20
C PRO C 409 60.98 -13.16 -45.85
N MET C 410 61.09 -12.61 -44.65
CA MET C 410 60.24 -11.51 -44.21
C MET C 410 60.41 -10.28 -45.11
N THR C 411 61.59 -10.12 -45.70
CA THR C 411 61.85 -8.98 -46.56
C THR C 411 61.06 -9.07 -47.86
N PHE C 412 60.53 -10.25 -48.16
CA PHE C 412 59.68 -10.44 -49.34
C PHE C 412 58.29 -9.85 -49.14
N SER C 413 57.86 -9.79 -47.88
CA SER C 413 56.49 -9.44 -47.51
C SER C 413 55.93 -8.24 -48.27
N GLN C 414 54.68 -8.36 -48.69
CA GLN C 414 53.97 -7.26 -49.35
C GLN C 414 53.66 -6.18 -48.33
N ASN C 415 53.59 -6.56 -47.06
CA ASN C 415 53.35 -5.61 -45.98
C ASN C 415 54.61 -4.82 -45.67
N GLN C 416 54.50 -3.49 -45.72
CA GLN C 416 55.67 -2.62 -45.68
C GLN C 416 56.37 -2.60 -44.31
N GLU C 417 55.60 -2.78 -43.24
CA GLU C 417 56.19 -2.85 -41.90
C GLU C 417 57.09 -4.06 -41.77
N VAL C 418 56.57 -5.22 -42.18
CA VAL C 418 57.32 -6.47 -42.11
C VAL C 418 58.59 -6.40 -42.94
N SER C 419 58.44 -6.18 -44.24
CA SER C 419 59.57 -6.20 -45.15
C SER C 419 60.59 -5.11 -44.79
N GLY C 420 60.08 -3.92 -44.48
CA GLY C 420 60.92 -2.80 -44.09
C GLY C 420 61.78 -3.10 -42.86
N ASN C 421 61.11 -3.46 -41.76
CA ASN C 421 61.83 -3.75 -40.52
C ASN C 421 62.79 -4.91 -40.66
N ALA C 422 62.35 -5.99 -41.31
CA ALA C 422 63.21 -7.14 -41.54
C ALA C 422 64.47 -6.71 -42.25
N ALA C 423 64.29 -5.87 -43.27
CA ALA C 423 65.41 -5.36 -44.05
C ALA C 423 66.37 -4.54 -43.19
N ALA C 424 65.82 -3.65 -42.36
CA ALA C 424 66.66 -2.85 -41.48
C ALA C 424 67.48 -3.72 -40.52
N ALA C 425 66.83 -4.70 -39.91
CA ALA C 425 67.49 -5.63 -39.01
C ALA C 425 68.64 -6.34 -39.72
N LEU C 426 68.33 -6.92 -40.88
CA LEU C 426 69.33 -7.62 -41.69
C LEU C 426 70.53 -6.71 -41.99
N ALA C 427 70.23 -5.48 -42.39
CA ALA C 427 71.26 -4.50 -42.72
C ALA C 427 72.17 -4.21 -41.52
N ASN C 428 71.56 -4.06 -40.35
CA ASN C 428 72.32 -3.82 -39.13
C ASN C 428 73.17 -5.02 -38.71
N LEU C 429 72.67 -6.22 -38.98
CA LEU C 429 73.40 -7.44 -38.63
C LEU C 429 74.63 -7.65 -39.53
N CYS C 430 74.69 -6.95 -40.65
CA CYS C 430 75.83 -7.03 -41.54
C CYS C 430 76.85 -5.93 -41.24
N SER C 431 76.52 -5.07 -40.30
CA SER C 431 77.36 -3.91 -40.04
C SER C 431 78.22 -4.06 -38.80
N ARG C 432 79.53 -4.09 -39.01
CA ARG C 432 80.50 -4.07 -37.93
C ARG C 432 80.28 -5.22 -36.95
N VAL C 433 80.20 -6.43 -37.47
CA VAL C 433 80.07 -7.60 -36.61
C VAL C 433 81.41 -8.34 -36.54
N ASN C 434 81.66 -8.98 -35.41
CA ASN C 434 82.96 -9.59 -35.16
C ASN C 434 83.15 -10.96 -35.81
N ASN C 435 82.06 -11.60 -36.24
CA ASN C 435 82.17 -12.83 -37.02
C ASN C 435 81.16 -12.83 -38.17
N TYR C 436 81.64 -12.99 -39.40
CA TYR C 436 80.75 -12.90 -40.57
C TYR C 436 80.33 -14.27 -41.11
N THR C 437 80.53 -15.31 -40.31
CA THR C 437 80.24 -16.68 -40.73
C THR C 437 78.79 -16.91 -41.17
N LYS C 438 77.85 -16.57 -40.28
CA LYS C 438 76.43 -16.85 -40.55
C LYS C 438 75.90 -16.05 -41.73
N ILE C 439 76.55 -14.91 -42.03
CA ILE C 439 76.18 -14.10 -43.17
C ILE C 439 76.61 -14.79 -44.47
N ILE C 440 77.84 -15.30 -44.46
CA ILE C 440 78.38 -16.06 -45.57
C ILE C 440 77.50 -17.30 -45.81
N GLU C 441 77.02 -17.88 -44.72
CA GLU C 441 76.13 -19.02 -44.81
C GLU C 441 74.80 -18.63 -45.43
N ALA C 442 74.30 -17.47 -45.03
CA ALA C 442 73.00 -17.00 -45.48
C ALA C 442 73.09 -16.16 -46.74
N TRP C 443 74.20 -16.28 -47.46
CA TRP C 443 74.38 -15.52 -48.69
C TRP C 443 73.41 -15.95 -49.79
N ASP C 444 73.20 -17.26 -49.93
CA ASP C 444 72.37 -17.81 -51.00
C ASP C 444 71.05 -18.39 -50.50
N ARG C 445 71.11 -19.00 -49.32
CA ARG C 445 69.96 -19.71 -48.78
C ARG C 445 69.63 -19.17 -47.39
N PRO C 446 68.34 -19.17 -47.01
CA PRO C 446 67.19 -19.59 -47.82
C PRO C 446 66.61 -18.45 -48.65
N ASN C 447 65.65 -18.78 -49.51
CA ASN C 447 64.91 -17.77 -50.28
C ASN C 447 65.81 -16.84 -51.06
N GLU C 448 66.76 -17.42 -51.80
CA GLU C 448 67.73 -16.67 -52.60
C GLU C 448 68.68 -15.83 -51.73
N GLY C 449 68.53 -15.96 -50.42
CA GLY C 449 69.47 -15.42 -49.46
C GLY C 449 69.69 -13.93 -49.46
N ILE C 450 70.74 -13.51 -48.75
CA ILE C 450 71.11 -12.11 -48.64
C ILE C 450 71.40 -11.51 -50.01
N ARG C 451 72.10 -12.26 -50.86
CA ARG C 451 72.35 -11.83 -52.23
C ARG C 451 71.07 -11.44 -52.95
N GLY C 452 70.11 -12.36 -52.90
CA GLY C 452 68.78 -12.12 -53.46
C GLY C 452 68.15 -10.88 -52.86
N PHE C 453 68.26 -10.73 -51.55
CA PHE C 453 67.76 -9.53 -50.87
C PHE C 453 68.32 -8.24 -51.48
N LEU C 454 69.65 -8.17 -51.58
CA LEU C 454 70.32 -6.99 -52.12
C LEU C 454 69.81 -6.68 -53.52
N ILE C 455 69.83 -7.68 -54.39
CA ILE C 455 69.34 -7.50 -55.75
C ILE C 455 67.90 -6.98 -55.79
N ARG C 456 67.01 -7.65 -55.07
CA ARG C 456 65.60 -7.26 -54.99
C ARG C 456 65.43 -5.81 -54.57
N PHE C 457 66.12 -5.42 -53.51
CA PHE C 457 65.93 -4.08 -52.95
C PHE C 457 66.55 -3.01 -53.83
N LEU C 458 67.59 -3.36 -54.58
CA LEU C 458 68.12 -2.46 -55.59
C LEU C 458 67.12 -2.29 -56.74
N LYS C 459 66.50 -3.39 -57.15
CA LYS C 459 65.58 -3.34 -58.29
C LYS C 459 64.26 -2.64 -57.97
N SER C 460 63.97 -2.45 -56.69
CA SER C 460 62.79 -1.69 -56.29
C SER C 460 62.98 -0.23 -56.67
N ASP C 461 61.90 0.55 -56.70
CA ASP C 461 62.06 1.96 -56.96
C ASP C 461 61.59 2.65 -55.68
N TYR C 462 61.79 1.97 -54.55
CA TYR C 462 61.54 2.55 -53.25
C TYR C 462 62.88 3.09 -52.77
N ALA C 463 62.93 4.40 -52.57
CA ALA C 463 64.15 5.10 -52.21
C ALA C 463 64.75 4.52 -50.94
N THR C 464 63.87 4.24 -49.97
CA THR C 464 64.26 3.67 -48.70
C THR C 464 64.98 2.33 -48.92
N PHE C 465 64.37 1.47 -49.72
CA PHE C 465 64.91 0.12 -49.95
C PHE C 465 66.21 0.16 -50.74
N GLU C 466 66.27 1.04 -51.73
CA GLU C 466 67.49 1.28 -52.48
C GLU C 466 68.61 1.66 -51.51
N HIS C 467 68.30 2.59 -50.61
CA HIS C 467 69.26 3.04 -49.61
C HIS C 467 69.73 1.87 -48.74
N ILE C 468 68.78 1.06 -48.28
CA ILE C 468 69.11 -0.07 -47.42
C ILE C 468 70.06 -1.02 -48.12
N ALA C 469 69.77 -1.31 -49.38
CA ALA C 469 70.62 -2.20 -50.17
C ALA C 469 72.04 -1.63 -50.35
N LEU C 470 72.12 -0.41 -50.86
CA LEU C 470 73.43 0.23 -51.08
C LEU C 470 74.25 0.29 -49.80
N TRP C 471 73.59 0.72 -48.72
CA TRP C 471 74.25 0.83 -47.43
C TRP C 471 74.77 -0.51 -46.95
N THR C 472 73.94 -1.54 -47.06
CA THR C 472 74.34 -2.88 -46.65
C THR C 472 75.56 -3.34 -47.44
N ILE C 473 75.51 -3.14 -48.76
CA ILE C 473 76.62 -3.55 -49.63
C ILE C 473 77.92 -2.87 -49.22
N LEU C 474 77.81 -1.58 -48.90
CA LEU C 474 78.97 -0.84 -48.40
C LEU C 474 79.47 -1.41 -47.07
N GLN C 475 78.55 -1.71 -46.16
CA GLN C 475 78.92 -2.28 -44.86
C GLN C 475 79.62 -3.62 -45.02
N LEU C 476 79.22 -4.38 -46.03
CA LEU C 476 79.83 -5.67 -46.30
C LEU C 476 81.25 -5.48 -46.82
N LEU C 477 81.40 -4.59 -47.80
CA LEU C 477 82.72 -4.32 -48.35
C LEU C 477 83.66 -3.74 -47.30
N GLU C 478 83.11 -2.99 -46.37
CA GLU C 478 83.90 -2.31 -45.35
C GLU C 478 84.28 -3.25 -44.22
N SER C 479 83.65 -4.41 -44.19
CA SER C 479 84.18 -5.48 -43.36
C SER C 479 85.43 -5.93 -44.05
N HIS C 480 86.44 -6.33 -43.30
CA HIS C 480 87.67 -6.77 -43.92
C HIS C 480 87.72 -8.29 -43.94
N ASN C 481 86.54 -8.88 -44.07
CA ASN C 481 86.41 -10.29 -44.39
C ASN C 481 86.60 -10.43 -45.88
N ASP C 482 87.60 -11.23 -46.27
CA ASP C 482 87.96 -11.35 -47.69
C ASP C 482 86.88 -12.08 -48.49
N LYS C 483 86.28 -13.09 -47.88
CA LYS C 483 85.26 -13.90 -48.54
C LYS C 483 84.04 -13.04 -48.90
N VAL C 484 83.58 -12.24 -47.94
CA VAL C 484 82.46 -11.34 -48.17
C VAL C 484 82.79 -10.34 -49.27
N GLU C 485 83.99 -9.77 -49.20
CA GLU C 485 84.51 -8.90 -50.25
C GLU C 485 84.41 -9.57 -51.61
N ASP C 486 84.71 -10.86 -51.68
CA ASP C 486 84.75 -11.52 -52.99
C ASP C 486 83.39 -11.91 -53.51
N LEU C 487 82.46 -12.16 -52.58
CA LEU C 487 81.08 -12.39 -52.98
C LEU C 487 80.46 -11.12 -53.54
N VAL C 488 80.67 -10.00 -52.85
CA VAL C 488 80.12 -8.73 -53.32
C VAL C 488 80.81 -8.27 -54.61
N LYS C 489 82.13 -8.39 -54.67
CA LYS C 489 82.87 -7.85 -55.80
C LYS C 489 82.76 -8.70 -57.06
N ASN C 490 82.48 -9.99 -56.91
CA ASN C 490 82.31 -10.83 -58.09
C ASN C 490 80.87 -11.04 -58.52
N ASP C 491 79.92 -10.63 -57.69
CA ASP C 491 78.52 -10.82 -58.06
C ASP C 491 78.13 -9.80 -59.12
N ASP C 492 77.98 -10.27 -60.35
CA ASP C 492 77.74 -9.38 -61.47
C ASP C 492 76.41 -8.67 -61.33
N ASP C 493 75.38 -9.41 -60.93
CA ASP C 493 74.05 -8.84 -60.76
C ASP C 493 74.07 -7.68 -59.75
N ILE C 494 74.68 -7.92 -58.60
CA ILE C 494 74.78 -6.89 -57.57
C ILE C 494 75.64 -5.71 -58.05
N ILE C 495 76.75 -6.02 -58.72
CA ILE C 495 77.63 -5.00 -59.25
C ILE C 495 76.91 -4.16 -60.31
N ASN C 496 76.15 -4.85 -61.16
CA ASN C 496 75.37 -4.19 -62.19
C ASN C 496 74.29 -3.28 -61.60
N GLY C 497 73.67 -3.76 -60.53
CA GLY C 497 72.57 -3.03 -59.90
C GLY C 497 73.05 -1.73 -59.28
N VAL C 498 74.21 -1.78 -58.62
CA VAL C 498 74.82 -0.59 -58.06
C VAL C 498 75.20 0.40 -59.15
N ARG C 499 75.67 -0.13 -60.28
CA ARG C 499 76.08 0.72 -61.39
C ARG C 499 74.90 1.46 -61.99
N LYS C 500 73.77 0.77 -62.13
CA LYS C 500 72.58 1.40 -62.69
C LYS C 500 72.00 2.37 -61.69
N MET C 501 72.09 2.04 -60.40
CA MET C 501 71.64 2.96 -59.37
C MET C 501 72.46 4.26 -59.41
N ALA C 502 73.76 4.10 -59.62
CA ALA C 502 74.67 5.24 -59.71
C ALA C 502 74.32 6.11 -60.91
N ASP C 503 74.07 5.48 -62.05
CA ASP C 503 73.71 6.23 -63.25
C ASP C 503 72.38 6.96 -63.08
N VAL C 504 71.36 6.23 -62.64
CA VAL C 504 70.03 6.80 -62.40
C VAL C 504 70.08 8.01 -61.47
N THR C 505 70.75 7.86 -60.32
CA THR C 505 70.88 8.98 -59.40
C THR C 505 71.67 10.14 -60.03
N PHE C 506 72.69 9.82 -60.82
CA PHE C 506 73.49 10.86 -61.45
C PHE C 506 72.66 11.70 -62.40
N GLU C 507 71.80 11.03 -63.18
CA GLU C 507 71.00 11.75 -64.16
C GLU C 507 69.79 12.45 -63.52
N ARG C 508 69.29 11.93 -62.39
CA ARG C 508 68.28 12.67 -61.64
C ARG C 508 68.91 13.95 -61.11
N LEU C 509 70.19 13.88 -60.73
CA LEU C 509 70.87 15.02 -60.15
C LEU C 509 71.31 16.00 -61.23
N GLN C 510 71.42 15.52 -62.47
CA GLN C 510 71.89 16.37 -63.55
C GLN C 510 70.73 17.03 -64.28
N ARG C 511 69.55 16.41 -64.20
CA ARG C 511 68.32 17.10 -64.62
C ARG C 511 67.89 18.21 -63.67
N SER C 512 68.25 18.07 -62.40
CA SER C 512 67.85 19.02 -61.36
C SER C 512 68.84 20.15 -61.09
N GLY C 513 69.93 20.16 -61.83
CA GLY C 513 70.82 21.32 -61.80
C GLY C 513 71.99 21.13 -60.89
N ILE C 514 72.39 19.88 -60.71
CA ILE C 514 73.44 19.56 -59.77
C ILE C 514 74.55 18.72 -60.40
N ASP C 515 75.79 19.15 -60.20
CA ASP C 515 76.92 18.30 -60.50
C ASP C 515 77.63 17.92 -59.22
N VAL C 516 77.84 16.61 -59.04
CA VAL C 516 78.42 16.09 -57.82
C VAL C 516 79.88 16.47 -57.64
N LYS C 517 80.12 17.23 -56.56
CA LYS C 517 81.43 17.61 -56.00
C LYS C 517 81.32 19.00 -55.39
N GLU C 545 65.52 13.21 -54.88
CA GLU C 545 65.49 14.42 -54.07
C GLU C 545 66.82 14.65 -53.36
N ASP C 546 66.74 14.72 -52.04
CA ASP C 546 67.89 14.84 -51.16
C ASP C 546 68.42 13.41 -50.96
N ALA C 547 67.53 12.45 -51.18
CA ALA C 547 67.88 11.03 -51.19
C ALA C 547 68.81 10.66 -52.33
N SER C 548 68.60 11.27 -53.49
CA SER C 548 69.39 11.01 -54.69
C SER C 548 70.89 11.25 -54.51
N LEU C 549 71.24 12.38 -53.87
CA LEU C 549 72.64 12.71 -53.62
C LEU C 549 73.31 11.67 -52.72
N GLU C 550 72.63 11.35 -51.63
CA GLU C 550 73.06 10.36 -50.65
C GLU C 550 73.32 9.01 -51.31
N LEU C 551 72.30 8.54 -52.03
CA LEU C 551 72.36 7.30 -52.77
C LEU C 551 73.54 7.26 -53.74
N TYR C 552 73.73 8.36 -54.46
CA TYR C 552 74.84 8.46 -55.40
C TYR C 552 76.18 8.33 -54.69
N ASN C 553 76.34 9.06 -53.60
CA ASN C 553 77.57 9.02 -52.83
C ASN C 553 77.90 7.61 -52.38
N ILE C 554 76.89 6.91 -51.89
CA ILE C 554 77.08 5.54 -51.46
C ILE C 554 77.49 4.65 -52.63
N THR C 555 76.86 4.86 -53.79
CA THR C 555 77.27 4.10 -54.97
C THR C 555 78.73 4.32 -55.28
N GLN C 556 79.21 5.56 -55.14
CA GLN C 556 80.60 5.84 -55.45
C GLN C 556 81.57 5.20 -54.45
N GLN C 557 81.21 5.26 -53.16
CA GLN C 557 82.01 4.59 -52.13
C GLN C 557 82.09 3.09 -52.39
N ILE C 558 80.99 2.50 -52.82
CA ILE C 558 80.96 1.08 -53.13
C ILE C 558 81.82 0.78 -54.35
N LEU C 559 81.66 1.58 -55.40
CA LEU C 559 82.37 1.34 -56.65
C LEU C 559 83.86 1.63 -56.56
N GLN C 560 84.28 2.27 -55.47
CA GLN C 560 85.72 2.50 -55.28
C GLN C 560 86.47 1.24 -54.86
N PHE C 561 85.73 0.22 -54.42
CA PHE C 561 86.33 -1.03 -53.98
C PHE C 561 86.74 -1.89 -55.18
N LEU C 562 86.11 -1.63 -56.32
CA LEU C 562 86.40 -2.37 -57.54
C LEU C 562 87.85 -2.17 -57.98
N HIS C 563 88.33 -0.92 -57.86
CA HIS C 563 89.69 -0.60 -58.25
C HIS C 563 90.34 0.33 -57.22
N ARG D 99 59.07 1.37 -40.66
CA ARG D 99 57.76 1.44 -40.02
C ARG D 99 57.72 0.56 -38.77
N GLN D 100 57.13 1.07 -37.68
CA GLN D 100 56.76 0.20 -36.57
C GLN D 100 55.23 0.24 -36.42
N PRO D 101 54.62 -0.93 -36.21
CA PRO D 101 53.15 -1.10 -36.18
C PRO D 101 52.50 -0.79 -34.84
N TYR D 102 51.24 -0.33 -34.88
CA TYR D 102 50.47 -0.01 -33.69
C TYR D 102 49.13 -0.73 -33.68
N HIS D 103 49.13 -1.94 -33.15
CA HIS D 103 47.92 -2.75 -33.07
C HIS D 103 47.35 -2.71 -31.66
N TYR D 104 46.04 -2.55 -31.55
CA TYR D 104 45.34 -2.56 -30.25
C TYR D 104 45.94 -1.60 -29.23
N SER D 105 46.37 -0.43 -29.68
CA SER D 105 47.08 0.51 -28.82
C SER D 105 46.14 1.41 -28.04
N GLN D 106 44.98 1.73 -28.62
CA GLN D 106 44.06 2.69 -28.03
C GLN D 106 43.32 2.13 -26.82
N PRO D 107 43.02 3.01 -25.84
CA PRO D 107 42.25 2.69 -24.64
C PRO D 107 40.86 2.14 -24.96
N THR D 108 40.34 1.28 -24.10
CA THR D 108 39.09 0.56 -24.38
C THR D 108 37.91 1.16 -23.63
N THR D 109 36.81 1.36 -24.34
CA THR D 109 35.54 1.73 -23.72
C THR D 109 34.70 0.48 -23.53
N ALA D 110 34.35 0.19 -22.28
CA ALA D 110 33.60 -1.02 -21.98
C ALA D 110 32.19 -0.97 -22.58
N PRO D 111 31.79 -2.07 -23.24
CA PRO D 111 30.53 -2.20 -23.96
C PRO D 111 29.32 -2.41 -23.06
N PHE D 112 29.57 -2.82 -21.82
CA PHE D 112 28.52 -3.08 -20.86
C PHE D 112 27.72 -1.83 -20.52
N GLN D 113 26.39 -1.94 -20.59
CA GLN D 113 25.51 -0.87 -20.12
C GLN D 113 24.59 -1.40 -19.03
N ALA D 114 24.39 -0.60 -17.99
CA ALA D 114 23.54 -1.00 -16.87
C ALA D 114 22.06 -0.98 -17.21
N GLN D 115 21.27 -1.66 -16.41
CA GLN D 115 19.82 -1.68 -16.60
C GLN D 115 19.23 -1.80 -15.17
N ALA D 116 18.12 -1.12 -14.93
CA ALA D 116 17.60 -0.90 -13.56
C ALA D 116 16.80 -2.03 -12.92
N LYS D 117 16.62 -1.94 -11.61
CA LYS D 117 15.82 -2.90 -10.87
C LYS D 117 14.69 -2.21 -10.10
N PHE D 118 13.54 -2.87 -10.01
CA PHE D 118 12.39 -2.30 -9.32
C PHE D 118 11.99 -3.25 -8.18
N HIS D 119 11.08 -2.83 -7.31
CA HIS D 119 10.76 -3.62 -6.10
C HIS D 119 9.88 -4.83 -6.37
#